data_8A0D
#
_entry.id   8A0D
#
_cell.length_a   74.44
_cell.length_b   122.85
_cell.length_c   123.36
_cell.angle_alpha   90
_cell.angle_beta   90
_cell.angle_gamma   90
#
_symmetry.space_group_name_H-M   'P 21 21 21'
#
_entity_poly.entity_id   1
_entity_poly.type   'polypeptide(L)'
_entity_poly.pdbx_seq_one_letter_code
;MAEINGDWNTIALSADNKEKIEEGGPLRVYFRQVDCNDDCSEITFRLYVKLSGECKESTVIASQTPDDFYTVQFAGENTF
LIVDKQEDLFTLYNTNVDENGLVTRGYAIIGKRDSLTPEETSHFEEANELKGIPKGNIEYLAGTDDCPERSHHHHHH
;
_entity_poly.pdbx_strand_id   A,B,C,D,E
#
# COMPACT_ATOMS: atom_id res chain seq x y z
N ILE A 4 -9.30 13.89 47.10
CA ILE A 4 -8.03 14.49 46.67
C ILE A 4 -8.19 15.06 45.24
N ASN A 5 -9.15 15.98 45.08
CA ASN A 5 -9.45 16.62 43.79
C ASN A 5 -8.52 17.82 43.49
N GLY A 6 -8.66 18.39 42.28
CA GLY A 6 -7.90 19.57 41.88
C GLY A 6 -7.30 19.55 40.50
N ASP A 7 -6.43 20.55 40.24
CA ASP A 7 -5.70 20.75 38.99
C ASP A 7 -4.25 20.37 39.25
N TRP A 8 -3.79 19.25 38.65
CA TRP A 8 -2.46 18.71 38.87
C TRP A 8 -1.57 18.77 37.61
N ASN A 9 -0.25 18.59 37.81
CA ASN A 9 0.78 18.61 36.76
C ASN A 9 1.65 17.35 36.89
N THR A 10 2.05 16.73 35.76
CA THR A 10 2.97 15.60 35.83
C THR A 10 4.36 16.16 36.11
N ILE A 11 5.06 15.64 37.11
CA ILE A 11 6.39 16.14 37.45
C ILE A 11 7.44 15.28 36.75
N ALA A 12 7.28 13.94 36.81
CA ALA A 12 8.19 13.00 36.17
C ALA A 12 7.51 11.68 35.85
N LEU A 13 8.03 10.97 34.84
CA LEU A 13 7.55 9.66 34.43
C LEU A 13 8.73 8.73 34.29
N SER A 14 8.49 7.43 34.44
CA SER A 14 9.53 6.43 34.27
C SER A 14 8.94 5.15 33.65
N ALA A 15 9.76 4.42 32.89
CA ALA A 15 9.33 3.20 32.23
C ALA A 15 10.53 2.33 31.90
N ASP A 16 10.37 1.00 32.03
CA ASP A 16 11.43 0.06 31.67
C ASP A 16 11.70 0.17 30.13
N ASN A 17 10.62 0.36 29.34
CA ASN A 17 10.67 0.60 27.91
C ASN A 17 10.48 2.11 27.76
N LYS A 18 11.59 2.88 27.89
CA LYS A 18 11.58 4.35 27.88
C LYS A 18 10.81 4.98 26.72
N GLU A 19 10.76 4.31 25.56
CA GLU A 19 10.08 4.81 24.36
C GLU A 19 8.63 5.24 24.61
N LYS A 20 7.92 4.54 25.49
CA LYS A 20 6.53 4.86 25.79
C LYS A 20 6.35 6.22 26.46
N ILE A 21 7.35 6.70 27.22
CA ILE A 21 7.26 8.00 27.89
C ILE A 21 8.10 9.10 27.20
N GLU A 22 8.71 8.82 26.02
CA GLU A 22 9.49 9.84 25.31
C GLU A 22 8.55 10.76 24.53
N GLU A 23 9.04 11.91 24.02
CA GLU A 23 8.21 12.84 23.24
C GLU A 23 7.65 12.11 22.01
N GLY A 24 6.36 11.80 22.07
CA GLY A 24 5.68 11.06 21.02
C GLY A 24 5.04 9.79 21.52
N GLY A 25 5.62 9.18 22.55
CA GLY A 25 5.09 7.95 23.13
C GLY A 25 3.71 8.15 23.71
N PRO A 26 2.87 7.10 23.74
CA PRO A 26 1.50 7.26 24.26
C PRO A 26 1.38 7.43 25.77
N LEU A 27 2.43 7.10 26.52
CA LEU A 27 2.42 7.23 27.97
C LEU A 27 3.13 8.49 28.46
N ARG A 28 3.62 9.39 27.56
CA ARG A 28 4.18 10.67 27.99
C ARG A 28 2.95 11.55 28.23
N VAL A 29 2.34 11.37 29.40
CA VAL A 29 1.07 11.98 29.78
C VAL A 29 1.25 13.21 30.67
N TYR A 30 0.82 14.38 30.19
CA TYR A 30 0.86 15.62 30.96
C TYR A 30 -0.51 15.74 31.60
N PHE A 31 -0.58 15.64 32.94
CA PHE A 31 -1.87 15.67 33.63
C PHE A 31 -2.42 17.06 33.79
N ARG A 32 -3.76 17.14 33.95
CA ARG A 32 -4.48 18.41 34.11
C ARG A 32 -5.44 18.41 35.32
N GLN A 33 -6.12 17.29 35.59
CA GLN A 33 -7.04 17.18 36.72
C GLN A 33 -7.08 15.75 37.22
N VAL A 34 -7.14 15.59 38.53
CA VAL A 34 -7.23 14.29 39.19
C VAL A 34 -8.36 14.43 40.19
N ASP A 35 -9.58 14.02 39.80
CA ASP A 35 -10.77 14.16 40.62
C ASP A 35 -11.23 12.82 41.19
N CYS A 36 -11.09 12.66 42.50
CA CYS A 36 -11.49 11.45 43.22
C CYS A 36 -12.97 11.50 43.55
N ASN A 37 -13.64 10.33 43.64
CA ASN A 37 -15.03 10.29 44.04
C ASN A 37 -15.11 10.27 45.60
N ASP A 38 -16.29 9.97 46.21
CA ASP A 38 -16.42 10.00 47.66
C ASP A 38 -15.35 9.13 48.38
N ASP A 39 -15.32 7.82 48.12
CA ASP A 39 -14.36 6.91 48.74
C ASP A 39 -13.15 6.57 47.86
N CYS A 40 -12.95 7.31 46.76
CA CYS A 40 -11.86 7.07 45.81
C CYS A 40 -11.93 5.70 45.15
N SER A 41 -13.12 5.07 45.10
CA SER A 41 -13.29 3.82 44.36
C SER A 41 -13.15 4.05 42.83
N GLU A 42 -13.15 5.35 42.37
CA GLU A 42 -12.98 5.76 40.97
C GLU A 42 -12.32 7.14 40.94
N ILE A 43 -11.27 7.32 40.13
CA ILE A 43 -10.56 8.60 40.00
C ILE A 43 -10.64 9.03 38.54
N THR A 44 -11.22 10.21 38.28
CA THR A 44 -11.29 10.74 36.93
C THR A 44 -10.02 11.54 36.65
N PHE A 45 -9.34 11.24 35.53
CA PHE A 45 -8.10 11.91 35.14
C PHE A 45 -8.28 12.63 33.82
N ARG A 46 -8.09 13.95 33.81
CA ARG A 46 -8.09 14.70 32.56
C ARG A 46 -6.60 14.93 32.25
N LEU A 47 -6.15 14.52 31.05
CA LEU A 47 -4.74 14.62 30.68
C LEU A 47 -4.53 14.75 29.18
N TYR A 48 -3.38 15.29 28.79
CA TYR A 48 -3.00 15.48 27.40
C TYR A 48 -1.81 14.60 27.06
N VAL A 49 -1.73 14.16 25.78
CA VAL A 49 -0.60 13.37 25.27
C VAL A 49 -0.25 13.93 23.91
N LYS A 50 1.02 14.31 23.68
CA LYS A 50 1.44 14.80 22.37
C LYS A 50 1.63 13.53 21.51
N LEU A 51 0.79 13.36 20.46
CA LEU A 51 0.81 12.18 19.59
C LEU A 51 0.58 12.65 18.16
N SER A 52 1.56 12.40 17.26
CA SER A 52 1.48 12.84 15.86
C SER A 52 1.34 14.38 15.80
N GLY A 53 2.15 15.07 16.60
CA GLY A 53 2.12 16.52 16.69
C GLY A 53 0.81 17.13 17.12
N GLU A 54 -0.04 16.35 17.81
CA GLU A 54 -1.34 16.80 18.26
C GLU A 54 -1.45 16.63 19.78
N CYS A 55 -2.04 17.61 20.46
CA CYS A 55 -2.24 17.52 21.90
C CYS A 55 -3.57 16.81 22.13
N LYS A 56 -3.54 15.48 22.22
CA LYS A 56 -4.74 14.70 22.39
C LYS A 56 -5.22 14.68 23.84
N GLU A 57 -6.38 15.29 24.11
CA GLU A 57 -6.98 15.33 25.45
C GLU A 57 -7.69 14.03 25.70
N SER A 58 -7.71 13.61 26.96
CA SER A 58 -8.38 12.40 27.38
C SER A 58 -8.91 12.59 28.80
N THR A 59 -10.10 12.05 29.09
CA THR A 59 -10.71 12.11 30.40
C THR A 59 -11.12 10.67 30.73
N VAL A 60 -10.37 10.01 31.64
CA VAL A 60 -10.51 8.58 31.95
C VAL A 60 -10.76 8.23 33.42
N ILE A 61 -11.48 7.13 33.67
CA ILE A 61 -11.85 6.66 35.02
C ILE A 61 -11.04 5.42 35.42
N ALA A 62 -10.36 5.49 36.57
CA ALA A 62 -9.58 4.40 37.11
C ALA A 62 -10.32 3.82 38.32
N SER A 63 -10.79 2.55 38.23
CA SER A 63 -11.57 1.93 39.29
C SER A 63 -10.73 1.07 40.21
N GLN A 64 -11.00 1.17 41.53
CA GLN A 64 -10.27 0.44 42.54
C GLN A 64 -10.77 -1.00 42.62
N THR A 65 -9.86 -1.94 42.36
CA THR A 65 -10.14 -3.39 42.42
C THR A 65 -10.25 -3.84 43.91
N PRO A 66 -10.51 -5.14 44.23
CA PRO A 66 -10.62 -5.52 45.66
C PRO A 66 -9.29 -5.60 46.42
N ASP A 67 -8.18 -5.17 45.80
CA ASP A 67 -6.84 -5.25 46.37
C ASP A 67 -6.14 -3.87 46.41
N ASP A 68 -6.92 -2.77 46.43
CA ASP A 68 -6.39 -1.41 46.46
C ASP A 68 -5.62 -1.02 45.18
N PHE A 69 -5.67 -1.85 44.10
CA PHE A 69 -5.07 -1.52 42.81
C PHE A 69 -6.12 -0.81 41.94
N TYR A 70 -5.67 -0.09 40.90
CA TYR A 70 -6.56 0.69 40.06
C TYR A 70 -6.42 0.32 38.60
N THR A 71 -7.54 -0.05 37.94
CA THR A 71 -7.53 -0.44 36.53
C THR A 71 -8.18 0.64 35.68
N VAL A 72 -7.48 1.06 34.62
CA VAL A 72 -7.93 2.09 33.71
C VAL A 72 -7.52 1.71 32.28
N GLN A 73 -8.41 1.98 31.31
CA GLN A 73 -8.10 1.72 29.92
C GLN A 73 -7.50 2.99 29.33
N PHE A 74 -6.25 2.91 28.88
CA PHE A 74 -5.57 4.04 28.26
C PHE A 74 -4.35 3.54 27.53
N ALA A 75 -4.33 3.57 26.19
CA ALA A 75 -3.22 3.04 25.38
C ALA A 75 -2.88 1.58 25.77
N GLY A 76 -3.93 0.83 26.12
CA GLY A 76 -3.85 -0.53 26.62
C GLY A 76 -4.46 -0.67 27.99
N GLU A 77 -4.32 -1.85 28.58
CA GLU A 77 -4.87 -2.13 29.91
C GLU A 77 -3.83 -1.66 30.93
N ASN A 78 -4.21 -0.84 31.92
CA ASN A 78 -3.25 -0.35 32.92
C ASN A 78 -3.68 -0.77 34.30
N THR A 79 -2.74 -1.15 35.17
CA THR A 79 -3.04 -1.48 36.57
C THR A 79 -2.01 -0.77 37.43
N PHE A 80 -2.42 0.26 38.19
CA PHE A 80 -1.46 1.02 39.00
C PHE A 80 -1.87 1.11 40.46
N LEU A 81 -0.87 1.31 41.34
CA LEU A 81 -1.07 1.47 42.78
C LEU A 81 -0.59 2.88 43.17
N ILE A 82 -1.18 3.48 44.23
CA ILE A 82 -0.73 4.80 44.67
C ILE A 82 0.43 4.56 45.64
N VAL A 83 1.66 4.55 45.13
CA VAL A 83 2.85 4.25 45.93
C VAL A 83 3.09 5.26 47.04
N ASP A 84 2.80 6.54 46.79
CA ASP A 84 2.97 7.59 47.79
C ASP A 84 1.91 8.66 47.60
N LYS A 85 1.55 9.37 48.68
CA LYS A 85 0.57 10.44 48.63
C LYS A 85 0.89 11.48 49.72
N GLN A 86 1.38 12.65 49.30
CA GLN A 86 1.68 13.77 50.18
C GLN A 86 0.64 14.89 49.95
N GLU A 87 0.78 16.06 50.60
CA GLU A 87 -0.19 17.14 50.44
C GLU A 87 -0.16 17.74 49.03
N ASP A 88 1.06 18.02 48.51
CA ASP A 88 1.28 18.63 47.19
C ASP A 88 1.78 17.64 46.12
N LEU A 89 1.91 16.34 46.43
CA LEU A 89 2.42 15.33 45.48
C LEU A 89 1.75 13.97 45.68
N PHE A 90 1.99 13.06 44.74
CA PHE A 90 1.57 11.65 44.80
C PHE A 90 2.22 10.86 43.66
N THR A 91 2.57 9.59 43.89
CA THR A 91 3.22 8.77 42.87
C THR A 91 2.41 7.52 42.55
N LEU A 92 2.58 6.99 41.33
CA LEU A 92 1.90 5.79 40.85
C LEU A 92 2.92 4.83 40.28
N TYR A 93 2.62 3.53 40.31
CA TYR A 93 3.44 2.51 39.69
C TYR A 93 2.48 1.71 38.83
N ASN A 94 2.49 1.99 37.52
CA ASN A 94 1.61 1.37 36.54
C ASN A 94 2.25 0.22 35.77
N THR A 95 1.42 -0.73 35.28
CA THR A 95 1.82 -1.85 34.43
C THR A 95 0.94 -1.73 33.18
N ASN A 96 1.50 -1.19 32.08
CA ASN A 96 0.75 -0.96 30.83
C ASN A 96 0.91 -2.13 29.84
N VAL A 97 -0.22 -2.71 29.40
CA VAL A 97 -0.24 -3.80 28.41
C VAL A 97 -0.82 -3.21 27.12
N ASP A 98 0.02 -2.72 26.20
CA ASP A 98 -0.44 -2.09 24.95
C ASP A 98 -1.19 -3.07 24.01
N GLU A 99 -1.64 -2.60 22.82
CA GLU A 99 -2.36 -3.43 21.85
C GLU A 99 -1.55 -4.66 21.47
N ASN A 100 -0.22 -4.54 21.39
CA ASN A 100 0.68 -5.64 21.02
C ASN A 100 1.16 -6.47 22.23
N GLY A 101 0.51 -6.36 23.38
CA GLY A 101 0.87 -7.13 24.55
C GLY A 101 2.15 -6.75 25.28
N LEU A 102 2.88 -5.72 24.81
CA LEU A 102 4.11 -5.29 25.48
C LEU A 102 3.78 -4.74 26.85
N VAL A 103 4.43 -5.30 27.88
CA VAL A 103 4.24 -4.87 29.25
C VAL A 103 5.28 -3.81 29.60
N THR A 104 4.85 -2.55 29.67
CA THR A 104 5.70 -1.44 30.06
C THR A 104 5.32 -1.00 31.47
N ARG A 105 6.11 -1.41 32.46
CA ARG A 105 5.90 -1.03 33.85
C ARG A 105 6.75 0.21 34.17
N GLY A 106 6.23 1.08 35.01
CA GLY A 106 6.93 2.31 35.36
C GLY A 106 6.23 3.15 36.40
N TYR A 107 6.87 4.26 36.78
CA TYR A 107 6.36 5.19 37.77
C TYR A 107 5.83 6.48 37.14
N ALA A 108 5.03 7.24 37.92
CA ALA A 108 4.48 8.51 37.47
C ALA A 108 4.24 9.43 38.67
N ILE A 109 5.00 10.54 38.79
CA ILE A 109 4.81 11.50 39.88
C ILE A 109 3.90 12.60 39.40
N ILE A 110 2.86 12.91 40.16
CA ILE A 110 1.89 13.95 39.83
C ILE A 110 1.76 14.84 41.06
N GLY A 111 1.79 16.14 40.86
CA GLY A 111 1.75 17.09 41.96
C GLY A 111 1.31 18.48 41.54
N LYS A 112 1.39 19.41 42.49
CA LYS A 112 1.02 20.81 42.26
C LYS A 112 2.23 21.66 41.81
N ARG A 113 3.46 21.20 42.05
CA ARG A 113 4.68 21.88 41.62
C ARG A 113 5.16 21.28 40.27
N ASP A 114 6.20 21.84 39.66
CA ASP A 114 6.71 21.34 38.40
C ASP A 114 8.04 20.59 38.52
N SER A 115 8.63 20.50 39.74
CA SER A 115 9.89 19.78 39.91
C SER A 115 10.12 19.24 41.35
N LEU A 116 10.87 18.13 41.46
CA LEU A 116 11.20 17.45 42.72
C LEU A 116 12.38 18.09 43.42
N THR A 117 12.39 18.07 44.78
CA THR A 117 13.55 18.55 45.53
C THR A 117 14.74 17.58 45.35
N PRO A 118 15.98 17.94 45.76
CA PRO A 118 17.10 17.00 45.58
C PRO A 118 16.88 15.70 46.36
N GLU A 119 16.29 15.80 47.57
CA GLU A 119 15.98 14.64 48.40
C GLU A 119 14.92 13.78 47.71
N GLU A 120 13.84 14.40 47.19
CA GLU A 120 12.81 13.65 46.50
C GLU A 120 13.33 13.03 45.20
N THR A 121 14.31 13.66 44.55
CA THR A 121 14.89 13.17 43.30
C THR A 121 15.65 11.86 43.54
N SER A 122 16.63 11.86 44.45
CA SER A 122 17.41 10.66 44.73
C SER A 122 16.52 9.51 45.20
N HIS A 123 15.48 9.81 45.99
CA HIS A 123 14.58 8.78 46.48
C HIS A 123 13.84 8.12 45.33
N PHE A 124 13.41 8.92 44.34
CA PHE A 124 12.71 8.43 43.16
C PHE A 124 13.65 7.57 42.30
N GLU A 125 14.91 8.00 42.16
CA GLU A 125 15.90 7.26 41.41
C GLU A 125 16.13 5.89 42.04
N GLU A 126 16.21 5.84 43.37
CA GLU A 126 16.38 4.59 44.10
C GLU A 126 15.16 3.69 43.88
N ALA A 127 13.95 4.24 43.99
CA ALA A 127 12.72 3.47 43.79
C ALA A 127 12.66 2.88 42.39
N ASN A 128 13.13 3.63 41.38
CA ASN A 128 13.13 3.15 39.99
C ASN A 128 14.12 1.99 39.80
N GLU A 129 15.41 2.22 40.13
CA GLU A 129 16.42 1.16 39.98
C GLU A 129 16.06 -0.06 40.83
N LEU A 130 15.43 0.15 41.99
CA LEU A 130 14.95 -0.94 42.86
C LEU A 130 13.91 -1.78 42.14
N LYS A 131 12.93 -1.14 41.45
CA LYS A 131 11.91 -1.86 40.69
C LYS A 131 12.36 -2.14 39.23
N GLY A 132 13.66 -2.28 39.01
CA GLY A 132 14.23 -2.62 37.71
C GLY A 132 14.44 -1.49 36.72
N ILE A 133 13.68 -0.39 36.81
CA ILE A 133 13.77 0.71 35.84
C ILE A 133 15.08 1.51 36.01
N PRO A 134 15.91 1.73 34.95
CA PRO A 134 17.15 2.51 35.15
C PRO A 134 16.93 3.98 35.49
N LYS A 135 17.94 4.62 36.08
CA LYS A 135 17.92 6.05 36.40
C LYS A 135 17.73 6.89 35.12
N GLY A 136 18.31 6.44 34.01
CA GLY A 136 18.20 7.13 32.74
C GLY A 136 16.81 7.12 32.15
N ASN A 137 16.02 6.08 32.43
CA ASN A 137 14.64 5.98 31.94
C ASN A 137 13.67 6.80 32.81
N ILE A 138 14.01 8.08 33.12
CA ILE A 138 13.15 8.98 33.90
C ILE A 138 13.07 10.28 33.13
N GLU A 139 11.89 10.58 32.56
CA GLU A 139 11.63 11.81 31.83
C GLU A 139 11.04 12.82 32.81
N TYR A 140 11.59 14.04 32.86
CA TYR A 140 11.08 15.11 33.71
C TYR A 140 10.34 16.08 32.80
N LEU A 141 9.00 15.98 32.76
CA LEU A 141 8.18 16.79 31.86
C LEU A 141 8.13 18.30 32.17
N ALA A 142 8.91 18.78 33.15
CA ALA A 142 8.94 20.20 33.47
C ALA A 142 9.42 21.03 32.27
N GLY A 143 8.62 22.02 31.90
CA GLY A 143 8.97 22.92 30.80
C GLY A 143 8.74 22.39 29.39
N THR A 144 8.23 21.15 29.24
CA THR A 144 7.92 20.59 27.93
C THR A 144 6.40 20.45 27.72
N ASP A 145 5.57 21.15 28.52
CA ASP A 145 4.12 21.04 28.41
C ASP A 145 3.57 22.12 27.52
N ASP A 146 3.59 21.90 26.20
CA ASP A 146 3.07 22.87 25.25
C ASP A 146 1.61 22.58 24.86
N CYS A 147 0.83 21.94 25.76
CA CYS A 147 -0.58 21.63 25.50
C CYS A 147 -1.51 22.62 26.25
N PRO A 148 -2.82 22.72 25.87
CA PRO A 148 -3.72 23.68 26.53
C PRO A 148 -4.57 23.04 27.65
N GLU A 149 -5.77 23.60 27.99
CA GLU A 149 -6.72 23.02 28.94
C GLU A 149 -8.16 22.92 28.33
N ARG A 150 -8.28 22.91 26.98
CA ARG A 150 -9.59 22.82 26.29
C ARG A 150 -10.18 21.41 26.35
N ILE B 4 -28.76 16.89 19.00
CA ILE B 4 -27.70 16.31 19.81
C ILE B 4 -26.35 16.47 19.06
N ASN B 5 -25.99 17.74 18.73
CA ASN B 5 -24.76 18.08 18.01
C ASN B 5 -23.53 18.19 18.95
N GLY B 6 -22.35 18.37 18.35
CA GLY B 6 -21.11 18.56 19.11
C GLY B 6 -19.91 17.79 18.61
N ASP B 7 -18.84 17.80 19.44
CA ASP B 7 -17.55 17.14 19.22
C ASP B 7 -17.51 15.92 20.14
N TRP B 8 -17.59 14.72 19.58
CA TRP B 8 -17.63 13.48 20.34
C TRP B 8 -16.37 12.60 20.15
N ASN B 9 -16.19 11.60 21.05
CA ASN B 9 -15.08 10.65 21.06
C ASN B 9 -15.62 9.24 21.17
N THR B 10 -15.03 8.27 20.44
CA THR B 10 -15.45 6.87 20.58
C THR B 10 -14.88 6.36 21.91
N ILE B 11 -15.72 5.75 22.75
CA ILE B 11 -15.27 5.23 24.04
C ILE B 11 -14.92 3.76 23.93
N ALA B 12 -15.77 2.99 23.24
CA ALA B 12 -15.55 1.57 23.03
C ALA B 12 -16.31 1.06 21.81
N LEU B 13 -15.83 -0.02 21.22
CA LEU B 13 -16.45 -0.67 20.07
C LEU B 13 -16.51 -2.16 20.34
N SER B 14 -17.46 -2.84 19.72
CA SER B 14 -17.58 -4.29 19.85
C SER B 14 -18.07 -4.90 18.53
N ALA B 15 -17.68 -6.15 18.26
CA ALA B 15 -18.04 -6.84 17.03
C ALA B 15 -17.92 -8.34 17.21
N ASP B 16 -18.85 -9.11 16.64
CA ASP B 16 -18.79 -10.57 16.66
C ASP B 16 -17.50 -11.05 15.93
N ASN B 17 -17.16 -10.37 14.82
CA ASN B 17 -15.93 -10.57 14.05
C ASN B 17 -14.99 -9.44 14.51
N LYS B 18 -14.28 -9.65 15.64
CA LYS B 18 -13.41 -8.65 16.25
C LYS B 18 -12.43 -7.96 15.29
N GLU B 19 -11.99 -8.66 14.24
CA GLU B 19 -11.01 -8.15 13.27
C GLU B 19 -11.40 -6.80 12.68
N LYS B 20 -12.72 -6.57 12.48
CA LYS B 20 -13.20 -5.31 11.91
C LYS B 20 -12.96 -4.09 12.80
N ILE B 21 -12.89 -4.28 14.13
CA ILE B 21 -12.65 -3.17 15.07
C ILE B 21 -11.22 -3.19 15.65
N GLU B 22 -10.32 -4.06 15.18
CA GLU B 22 -8.94 -4.08 15.69
C GLU B 22 -8.13 -2.99 14.99
N GLU B 23 -6.92 -2.67 15.49
CA GLU B 23 -6.06 -1.65 14.86
C GLU B 23 -5.75 -2.04 13.42
N GLY B 24 -6.40 -1.35 12.48
CA GLY B 24 -6.28 -1.65 11.06
C GLY B 24 -7.61 -1.97 10.42
N GLY B 25 -8.54 -2.53 11.18
CA GLY B 25 -9.87 -2.86 10.66
C GLY B 25 -10.62 -1.62 10.21
N PRO B 26 -11.54 -1.75 9.23
CA PRO B 26 -12.27 -0.57 8.74
C PRO B 26 -13.33 0.00 9.69
N LEU B 27 -13.74 -0.78 10.69
CA LEU B 27 -14.74 -0.33 11.64
C LEU B 27 -14.12 0.16 12.97
N ARG B 28 -12.78 0.21 13.11
CA ARG B 28 -12.15 0.80 14.29
C ARG B 28 -12.21 2.30 14.03
N VAL B 29 -13.39 2.88 14.30
CA VAL B 29 -13.71 4.27 13.99
C VAL B 29 -13.59 5.20 15.21
N TYR B 30 -12.68 6.17 15.13
CA TYR B 30 -12.51 7.17 16.17
C TYR B 30 -13.36 8.36 15.74
N PHE B 31 -14.43 8.67 16.49
CA PHE B 31 -15.35 9.74 16.11
C PHE B 31 -14.83 11.11 16.45
N ARG B 32 -15.32 12.13 15.73
CA ARG B 32 -14.94 13.52 15.91
C ARG B 32 -16.14 14.48 16.06
N GLN B 33 -17.22 14.26 15.30
CA GLN B 33 -18.41 15.09 15.36
C GLN B 33 -19.64 14.26 15.03
N VAL B 34 -20.72 14.51 15.74
CA VAL B 34 -22.00 13.84 15.54
C VAL B 34 -23.04 14.97 15.50
N ASP B 35 -23.38 15.43 14.29
CA ASP B 35 -24.29 16.55 14.10
C ASP B 35 -25.65 16.11 13.57
N CYS B 36 -26.67 16.21 14.41
CA CYS B 36 -28.04 15.83 14.09
C CYS B 36 -28.73 16.98 13.34
N ASN B 37 -29.63 16.69 12.37
CA ASN B 37 -30.36 17.75 11.67
C ASN B 37 -31.55 18.24 12.59
N ASP B 38 -32.61 18.88 12.04
CA ASP B 38 -33.72 19.36 12.88
C ASP B 38 -34.44 18.23 13.66
N ASP B 39 -35.05 17.27 12.94
CA ASP B 39 -35.76 16.14 13.56
C ASP B 39 -34.93 14.86 13.73
N CYS B 40 -33.60 14.93 13.48
CA CYS B 40 -32.69 13.79 13.56
C CYS B 40 -33.00 12.68 12.55
N SER B 41 -33.60 13.04 11.41
CA SER B 41 -33.80 12.13 10.29
C SER B 41 -32.46 11.92 9.52
N GLU B 42 -31.43 12.75 9.78
CA GLU B 42 -30.11 12.69 9.17
C GLU B 42 -29.07 13.10 10.24
N ILE B 43 -28.09 12.24 10.50
CA ILE B 43 -27.02 12.48 11.46
C ILE B 43 -25.71 12.47 10.69
N THR B 44 -25.03 13.61 10.63
CA THR B 44 -23.74 13.70 9.95
C THR B 44 -22.66 13.30 10.95
N PHE B 45 -21.78 12.36 10.55
CA PHE B 45 -20.69 11.85 11.39
C PHE B 45 -19.35 12.14 10.77
N ARG B 46 -18.50 12.91 11.45
CA ARG B 46 -17.13 13.13 11.01
C ARG B 46 -16.28 12.18 11.86
N LEU B 47 -15.49 11.30 11.22
CA LEU B 47 -14.70 10.31 11.95
C LEU B 47 -13.45 9.90 11.19
N TYR B 48 -12.46 9.38 11.92
CA TYR B 48 -11.20 8.90 11.37
C TYR B 48 -11.08 7.39 11.56
N VAL B 49 -10.36 6.74 10.63
CA VAL B 49 -10.09 5.29 10.69
C VAL B 49 -8.63 5.10 10.31
N LYS B 50 -7.84 4.42 11.15
CA LYS B 50 -6.44 4.15 10.82
C LYS B 50 -6.49 2.94 9.85
N LEU B 51 -6.08 3.15 8.59
CA LEU B 51 -6.12 2.13 7.53
C LEU B 51 -4.85 2.26 6.69
N SER B 52 -4.01 1.20 6.66
CA SER B 52 -2.74 1.22 5.93
C SER B 52 -1.84 2.35 6.46
N GLY B 53 -1.77 2.46 7.78
CA GLY B 53 -0.98 3.50 8.45
C GLY B 53 -1.39 4.93 8.13
N GLU B 54 -2.62 5.13 7.67
CA GLU B 54 -3.12 6.45 7.30
C GLU B 54 -4.35 6.78 8.12
N CYS B 55 -4.49 8.02 8.58
CA CYS B 55 -5.68 8.44 9.31
C CYS B 55 -6.69 8.92 8.31
N LYS B 56 -7.53 8.02 7.79
CA LYS B 56 -8.50 8.36 6.77
C LYS B 56 -9.76 9.02 7.37
N GLU B 57 -9.96 10.32 7.06
CA GLU B 57 -11.12 11.08 7.52
C GLU B 57 -12.31 10.75 6.65
N SER B 58 -13.49 10.80 7.25
CA SER B 58 -14.73 10.52 6.55
C SER B 58 -15.84 11.36 7.18
N THR B 59 -16.76 11.87 6.36
CA THR B 59 -17.91 12.65 6.82
C THR B 59 -19.12 12.02 6.14
N VAL B 60 -19.94 11.26 6.90
CA VAL B 60 -21.08 10.50 6.35
C VAL B 60 -22.44 10.87 6.94
N ILE B 61 -23.52 10.69 6.15
CA ILE B 61 -24.91 11.00 6.53
C ILE B 61 -25.61 9.72 6.92
N ALA B 62 -26.29 9.69 8.07
CA ALA B 62 -27.04 8.51 8.48
C ALA B 62 -28.52 8.82 8.45
N SER B 63 -29.24 8.21 7.48
CA SER B 63 -30.68 8.48 7.28
C SER B 63 -31.58 7.59 8.13
N GLN B 64 -32.59 8.19 8.80
CA GLN B 64 -33.54 7.46 9.61
C GLN B 64 -34.54 6.80 8.69
N THR B 65 -34.77 5.50 8.89
CA THR B 65 -35.73 4.74 8.10
C THR B 65 -37.13 4.85 8.77
N PRO B 66 -38.20 4.28 8.16
CA PRO B 66 -39.53 4.38 8.79
C PRO B 66 -39.75 3.49 10.02
N ASP B 67 -38.68 2.86 10.55
CA ASP B 67 -38.75 1.95 11.69
C ASP B 67 -37.79 2.38 12.82
N ASP B 68 -37.42 3.68 12.88
CA ASP B 68 -36.51 4.24 13.89
C ASP B 68 -35.04 3.78 13.74
N PHE B 69 -34.72 2.98 12.68
CA PHE B 69 -33.36 2.50 12.38
C PHE B 69 -32.63 3.50 11.46
N TYR B 70 -31.32 3.33 11.26
CA TYR B 70 -30.54 4.26 10.47
C TYR B 70 -29.67 3.56 9.44
N THR B 71 -29.81 3.95 8.16
CA THR B 71 -29.01 3.40 7.07
C THR B 71 -27.88 4.37 6.77
N VAL B 72 -26.66 3.85 6.66
CA VAL B 72 -25.50 4.67 6.35
C VAL B 72 -24.47 3.83 5.58
N GLN B 73 -23.85 4.40 4.54
CA GLN B 73 -22.86 3.69 3.75
C GLN B 73 -21.48 3.98 4.30
N PHE B 74 -20.77 2.96 4.77
CA PHE B 74 -19.42 3.10 5.29
C PHE B 74 -18.79 1.74 5.42
N ALA B 75 -17.77 1.42 4.60
CA ALA B 75 -17.13 0.10 4.58
C ALA B 75 -18.19 -1.02 4.42
N GLY B 76 -19.23 -0.72 3.63
CA GLY B 76 -20.37 -1.59 3.40
C GLY B 76 -21.67 -0.92 3.81
N GLU B 77 -22.76 -1.69 3.77
CA GLU B 77 -24.07 -1.19 4.13
C GLU B 77 -24.23 -1.35 5.63
N ASN B 78 -24.74 -0.32 6.32
CA ASN B 78 -24.92 -0.37 7.77
C ASN B 78 -26.35 -0.06 8.17
N THR B 79 -26.86 -0.72 9.24
CA THR B 79 -28.22 -0.49 9.78
C THR B 79 -28.14 -0.53 11.31
N PHE B 80 -28.02 0.65 11.96
CA PHE B 80 -27.85 0.75 13.40
C PHE B 80 -29.02 1.43 14.08
N LEU B 81 -29.23 1.11 15.36
CA LEU B 81 -30.25 1.71 16.20
C LEU B 81 -29.56 2.42 17.37
N ILE B 82 -30.17 3.49 17.93
CA ILE B 82 -29.57 4.19 19.07
C ILE B 82 -30.06 3.45 20.32
N VAL B 83 -29.27 2.46 20.79
CA VAL B 83 -29.66 1.61 21.92
C VAL B 83 -29.80 2.40 23.23
N ASP B 84 -28.95 3.42 23.43
CA ASP B 84 -29.01 4.25 24.63
C ASP B 84 -28.57 5.67 24.29
N LYS B 85 -29.09 6.66 25.04
CA LYS B 85 -28.76 8.06 24.85
C LYS B 85 -28.84 8.79 26.19
N GLN B 86 -27.67 9.15 26.77
CA GLN B 86 -27.56 9.90 28.01
C GLN B 86 -27.05 11.34 27.68
N GLU B 87 -26.80 12.18 28.68
CA GLU B 87 -26.35 13.55 28.43
C GLU B 87 -24.95 13.57 27.82
N ASP B 88 -24.04 12.80 28.41
CA ASP B 88 -22.65 12.72 28.02
C ASP B 88 -22.29 11.49 27.16
N LEU B 89 -23.23 10.55 26.96
CA LEU B 89 -22.95 9.32 26.20
C LEU B 89 -24.11 8.94 25.30
N PHE B 90 -23.87 7.94 24.45
CA PHE B 90 -24.88 7.29 23.60
C PHE B 90 -24.29 6.03 22.94
N THR B 91 -25.10 4.98 22.77
CA THR B 91 -24.61 3.73 22.20
C THR B 91 -25.38 3.37 20.92
N LEU B 92 -24.73 2.59 20.03
CA LEU B 92 -25.31 2.13 18.78
C LEU B 92 -25.12 0.63 18.65
N TYR B 93 -26.02 -0.04 17.91
CA TYR B 93 -25.89 -1.45 17.61
C TYR B 93 -26.03 -1.54 16.11
N ASN B 94 -24.89 -1.66 15.41
CA ASN B 94 -24.82 -1.70 13.96
C ASN B 94 -24.70 -3.12 13.42
N THR B 95 -25.16 -3.31 12.17
CA THR B 95 -25.06 -4.56 11.42
C THR B 95 -24.38 -4.17 10.10
N ASN B 96 -23.06 -4.44 9.99
CA ASN B 96 -22.25 -4.07 8.82
C ASN B 96 -22.15 -5.20 7.80
N VAL B 97 -22.54 -4.93 6.54
CA VAL B 97 -22.45 -5.88 5.43
C VAL B 97 -21.35 -5.38 4.49
N ASP B 98 -20.10 -5.86 4.67
CA ASP B 98 -18.96 -5.41 3.87
C ASP B 98 -19.09 -5.78 2.37
N GLU B 99 -18.08 -5.43 1.53
CA GLU B 99 -18.08 -5.72 0.09
C GLU B 99 -18.26 -7.21 -0.16
N ASN B 100 -17.70 -8.07 0.70
CA ASN B 100 -17.78 -9.52 0.56
C ASN B 100 -19.01 -10.15 1.26
N GLY B 101 -20.00 -9.33 1.63
CA GLY B 101 -21.21 -9.84 2.27
C GLY B 101 -21.10 -10.29 3.71
N LEU B 102 -19.92 -10.21 4.34
CA LEU B 102 -19.75 -10.62 5.73
C LEU B 102 -20.55 -9.69 6.63
N VAL B 103 -21.43 -10.27 7.44
CA VAL B 103 -22.25 -9.52 8.38
C VAL B 103 -21.55 -9.44 9.74
N THR B 104 -20.99 -8.27 10.04
CA THR B 104 -20.34 -8.00 11.32
C THR B 104 -21.26 -7.10 12.15
N ARG B 105 -21.98 -7.70 13.10
CA ARG B 105 -22.85 -6.96 14.00
C ARG B 105 -22.07 -6.64 15.29
N GLY B 106 -22.35 -5.47 15.85
CA GLY B 106 -21.65 -5.03 17.06
C GLY B 106 -22.16 -3.72 17.63
N TYR B 107 -21.57 -3.32 18.75
CA TYR B 107 -21.94 -2.09 19.45
C TYR B 107 -20.89 -1.00 19.28
N ALA B 108 -21.26 0.25 19.58
CA ALA B 108 -20.36 1.39 19.50
C ALA B 108 -20.78 2.47 20.49
N ILE B 109 -19.97 2.73 21.54
CA ILE B 109 -20.28 3.77 22.53
C ILE B 109 -19.56 5.04 22.12
N ILE B 110 -20.29 6.15 22.06
CA ILE B 110 -19.74 7.46 21.68
C ILE B 110 -20.17 8.44 22.75
N GLY B 111 -19.27 9.32 23.17
CA GLY B 111 -19.57 10.26 24.25
C GLY B 111 -18.63 11.44 24.27
N LYS B 112 -18.65 12.15 25.40
CA LYS B 112 -17.78 13.31 25.64
C LYS B 112 -16.55 12.94 26.51
N ARG B 113 -16.61 11.82 27.27
CA ARG B 113 -15.48 11.33 28.07
C ARG B 113 -14.74 10.25 27.23
N ASP B 114 -13.63 9.69 27.74
CA ASP B 114 -12.86 8.68 27.02
C ASP B 114 -12.94 7.29 27.64
N SER B 115 -13.60 7.10 28.81
CA SER B 115 -13.73 5.75 29.37
C SER B 115 -14.98 5.59 30.22
N LEU B 116 -15.49 4.35 30.30
CA LEU B 116 -16.71 4.01 31.03
C LEU B 116 -16.45 3.80 32.51
N THR B 117 -17.46 4.09 33.34
CA THR B 117 -17.41 3.80 34.77
C THR B 117 -17.64 2.29 34.97
N PRO B 118 -17.39 1.72 36.16
CA PRO B 118 -17.54 0.27 36.33
C PRO B 118 -18.93 -0.25 35.99
N GLU B 119 -19.98 0.45 36.43
CA GLU B 119 -21.36 0.02 36.21
C GLU B 119 -21.75 0.06 34.72
N GLU B 120 -21.28 1.09 34.02
CA GLU B 120 -21.50 1.22 32.57
C GLU B 120 -20.67 0.17 31.82
N THR B 121 -19.51 -0.23 32.37
CA THR B 121 -18.68 -1.26 31.77
C THR B 121 -19.41 -2.60 31.92
N SER B 122 -19.83 -2.97 33.14
CA SER B 122 -20.51 -4.24 33.35
C SER B 122 -21.80 -4.33 32.54
N HIS B 123 -22.59 -3.26 32.50
CA HIS B 123 -23.83 -3.26 31.71
C HIS B 123 -23.51 -3.42 30.22
N PHE B 124 -22.37 -2.86 29.73
CA PHE B 124 -21.98 -3.00 28.33
C PHE B 124 -21.54 -4.43 28.04
N GLU B 125 -20.79 -5.05 28.95
CA GLU B 125 -20.34 -6.42 28.80
C GLU B 125 -21.53 -7.36 28.75
N GLU B 126 -22.53 -7.13 29.61
CA GLU B 126 -23.75 -7.93 29.64
C GLU B 126 -24.51 -7.76 28.33
N ALA B 127 -24.66 -6.51 27.84
CA ALA B 127 -25.34 -6.24 26.59
C ALA B 127 -24.69 -6.94 25.42
N ASN B 128 -23.34 -7.00 25.41
CA ASN B 128 -22.60 -7.66 24.33
C ASN B 128 -22.81 -9.16 24.35
N GLU B 129 -22.50 -9.82 25.48
CA GLU B 129 -22.69 -11.28 25.59
C GLU B 129 -24.15 -11.67 25.34
N LEU B 130 -25.11 -10.80 25.77
CA LEU B 130 -26.53 -11.01 25.53
C LEU B 130 -26.83 -11.03 24.03
N LYS B 131 -26.26 -10.09 23.26
CA LYS B 131 -26.45 -10.06 21.81
C LYS B 131 -25.39 -10.91 21.05
N GLY B 132 -24.89 -11.97 21.70
CA GLY B 132 -23.93 -12.89 21.11
C GLY B 132 -22.46 -12.49 21.11
N ILE B 133 -22.14 -11.20 21.15
CA ILE B 133 -20.74 -10.75 21.08
C ILE B 133 -19.97 -11.07 22.39
N PRO B 134 -18.78 -11.73 22.36
CA PRO B 134 -18.07 -12.01 23.63
C PRO B 134 -17.53 -10.77 24.33
N LYS B 135 -17.27 -10.90 25.63
CA LYS B 135 -16.68 -9.82 26.44
C LYS B 135 -15.31 -9.41 25.88
N GLY B 136 -14.55 -10.39 25.36
CA GLY B 136 -13.24 -10.14 24.79
C GLY B 136 -13.26 -9.32 23.51
N ASN B 137 -14.33 -9.43 22.73
CA ASN B 137 -14.47 -8.68 21.50
C ASN B 137 -14.94 -7.23 21.77
N ILE B 138 -14.32 -6.53 22.73
CA ILE B 138 -14.64 -5.14 23.06
C ILE B 138 -13.33 -4.37 23.09
N GLU B 139 -13.11 -3.49 22.10
CA GLU B 139 -11.92 -2.66 22.02
C GLU B 139 -12.24 -1.32 22.68
N TYR B 140 -11.40 -0.86 23.61
CA TYR B 140 -11.57 0.43 24.28
C TYR B 140 -10.56 1.38 23.65
N LEU B 141 -11.00 2.23 22.73
CA LEU B 141 -10.12 3.13 21.98
C LEU B 141 -9.47 4.26 22.80
N ALA B 142 -9.68 4.29 24.12
CA ALA B 142 -9.06 5.31 24.96
C ALA B 142 -7.53 5.26 24.87
N GLY B 143 -6.92 6.40 24.55
CA GLY B 143 -5.48 6.52 24.47
C GLY B 143 -4.82 5.99 23.22
N THR B 144 -5.60 5.44 22.27
CA THR B 144 -5.06 4.96 21.00
C THR B 144 -5.48 5.86 19.82
N ASP B 145 -5.91 7.10 20.08
CA ASP B 145 -6.38 8.00 19.04
C ASP B 145 -5.26 8.92 18.60
N ASP B 146 -4.40 8.43 17.69
CA ASP B 146 -3.29 9.23 17.19
C ASP B 146 -3.65 9.95 15.88
N CYS B 147 -4.94 10.25 15.65
CA CYS B 147 -5.40 10.96 14.44
C CYS B 147 -5.67 12.46 14.73
N PRO B 148 -5.75 13.33 13.70
CA PRO B 148 -5.96 14.77 13.93
C PRO B 148 -7.45 15.21 13.82
N GLU B 149 -7.75 16.49 13.50
CA GLU B 149 -9.11 16.98 13.22
C GLU B 149 -9.18 17.75 11.86
N ARG B 150 -8.23 17.52 10.94
CA ARG B 150 -8.18 18.19 9.63
C ARG B 150 -9.27 17.66 8.69
N ILE C 4 -11.98 24.77 -11.18
CA ILE C 4 -12.58 23.90 -10.15
C ILE C 4 -11.52 22.91 -9.63
N ASN C 5 -10.40 23.46 -9.09
CA ASN C 5 -9.28 22.68 -8.56
C ASN C 5 -9.51 22.22 -7.09
N GLY C 6 -8.60 21.39 -6.57
CA GLY C 6 -8.65 20.95 -5.19
C GLY C 6 -8.36 19.47 -4.96
N ASP C 7 -8.63 19.03 -3.71
CA ASP C 7 -8.48 17.66 -3.23
C ASP C 7 -9.87 17.06 -3.11
N TRP C 8 -10.21 16.09 -3.97
CA TRP C 8 -11.53 15.48 -4.03
C TRP C 8 -11.53 14.00 -3.62
N ASN C 9 -12.73 13.45 -3.33
CA ASN C 9 -12.97 12.06 -2.92
C ASN C 9 -14.06 11.46 -3.79
N THR C 10 -13.93 10.19 -4.20
CA THR C 10 -15.02 9.53 -4.94
C THR C 10 -16.10 9.18 -3.93
N ILE C 11 -17.36 9.55 -4.21
CA ILE C 11 -18.45 9.27 -3.29
C ILE C 11 -19.13 7.96 -3.70
N ALA C 12 -19.41 7.80 -5.02
CA ALA C 12 -20.05 6.60 -5.57
C ALA C 12 -19.70 6.41 -7.03
N LEU C 13 -19.75 5.16 -7.48
CA LEU C 13 -19.50 4.78 -8.88
C LEU C 13 -20.61 3.86 -9.34
N SER C 14 -20.88 3.83 -10.63
CA SER C 14 -21.87 2.94 -11.20
C SER C 14 -21.43 2.46 -12.59
N ALA C 15 -21.86 1.25 -12.96
CA ALA C 15 -21.50 0.67 -14.25
C ALA C 15 -22.50 -0.41 -14.64
N ASP C 16 -22.82 -0.49 -15.94
CA ASP C 16 -23.71 -1.54 -16.44
C ASP C 16 -23.05 -2.93 -16.21
N ASN C 17 -21.71 -3.01 -16.39
CA ASN C 17 -20.89 -4.18 -16.10
C ASN C 17 -20.25 -3.89 -14.73
N LYS C 18 -20.97 -4.18 -13.65
CA LYS C 18 -20.55 -3.87 -12.27
C LYS C 18 -19.13 -4.30 -11.93
N GLU C 19 -18.63 -5.39 -12.55
CA GLU C 19 -17.30 -5.95 -12.27
C GLU C 19 -16.18 -4.93 -12.37
N LYS C 20 -16.30 -3.96 -13.30
CA LYS C 20 -15.28 -2.93 -13.49
C LYS C 20 -15.13 -1.99 -12.30
N ILE C 21 -16.20 -1.77 -11.53
CA ILE C 21 -16.13 -0.89 -10.35
C ILE C 21 -16.13 -1.67 -9.00
N GLU C 22 -16.04 -3.01 -9.02
CA GLU C 22 -15.98 -3.79 -7.77
C GLU C 22 -14.55 -3.76 -7.22
N GLU C 23 -14.35 -4.19 -5.96
CA GLU C 23 -13.00 -4.23 -5.35
C GLU C 23 -12.09 -5.11 -6.19
N GLY C 24 -11.19 -4.48 -6.93
CA GLY C 24 -10.28 -5.18 -7.83
C GLY C 24 -10.41 -4.72 -9.27
N GLY C 25 -11.60 -4.27 -9.67
CA GLY C 25 -11.85 -3.78 -11.01
C GLY C 25 -11.00 -2.55 -11.32
N PRO C 26 -10.66 -2.32 -12.60
CA PRO C 26 -9.81 -1.16 -12.95
C PRO C 26 -10.49 0.20 -12.87
N LEU C 27 -11.83 0.22 -12.84
CA LEU C 27 -12.58 1.46 -12.76
C LEU C 27 -13.07 1.79 -11.34
N ARG C 28 -12.71 0.98 -10.31
CA ARG C 28 -13.03 1.33 -8.92
C ARG C 28 -11.95 2.33 -8.53
N VAL C 29 -12.16 3.58 -8.95
CA VAL C 29 -11.20 4.66 -8.81
C VAL C 29 -11.49 5.57 -7.64
N TYR C 30 -10.56 5.65 -6.67
CA TYR C 30 -10.68 6.52 -5.51
C TYR C 30 -9.92 7.79 -5.91
N PHE C 31 -10.61 8.91 -6.06
CA PHE C 31 -9.97 10.16 -6.51
C PHE C 31 -9.24 10.87 -5.40
N ARG C 32 -8.25 11.68 -5.79
CA ARG C 32 -7.42 12.46 -4.86
C ARG C 32 -7.31 13.96 -5.23
N GLN C 33 -7.23 14.29 -6.52
CA GLN C 33 -7.14 15.67 -6.98
C GLN C 33 -7.78 15.80 -8.35
N VAL C 34 -8.51 16.89 -8.57
CA VAL C 34 -9.16 17.21 -9.83
C VAL C 34 -8.78 18.65 -10.13
N ASP C 35 -7.71 18.85 -10.93
CA ASP C 35 -7.18 20.17 -11.23
C ASP C 35 -7.49 20.60 -12.66
N CYS C 36 -8.36 21.59 -12.80
CA CYS C 36 -8.77 22.13 -14.09
C CYS C 36 -7.74 23.18 -14.56
N ASN C 37 -7.45 23.27 -15.87
CA ASN C 37 -6.52 24.31 -16.36
C ASN C 37 -7.31 25.67 -16.48
N ASP C 38 -6.84 26.65 -17.28
CA ASP C 38 -7.52 27.95 -17.39
C ASP C 38 -8.99 27.78 -17.88
N ASP C 39 -9.21 27.24 -19.10
CA ASP C 39 -10.55 27.06 -19.67
C ASP C 39 -11.15 25.66 -19.48
N CYS C 40 -10.48 24.78 -18.73
CA CYS C 40 -10.93 23.40 -18.53
C CYS C 40 -10.92 22.58 -19.80
N SER C 41 -9.91 22.80 -20.63
CA SER C 41 -9.64 22.00 -21.81
C SER C 41 -8.89 20.72 -21.37
N GLU C 42 -8.01 20.84 -20.34
CA GLU C 42 -7.24 19.73 -19.82
C GLU C 42 -7.44 19.62 -18.29
N ILE C 43 -8.26 18.62 -17.85
CA ILE C 43 -8.50 18.37 -16.43
C ILE C 43 -7.51 17.27 -15.98
N THR C 44 -6.62 17.59 -15.02
CA THR C 44 -5.67 16.61 -14.51
C THR C 44 -6.31 15.91 -13.30
N PHE C 45 -6.32 14.57 -13.30
CA PHE C 45 -6.90 13.75 -12.24
C PHE C 45 -5.86 12.89 -11.58
N ARG C 46 -5.62 13.07 -10.28
CA ARG C 46 -4.73 12.20 -9.53
C ARG C 46 -5.68 11.23 -8.80
N LEU C 47 -5.49 9.91 -8.99
CA LEU C 47 -6.38 8.92 -8.39
C LEU C 47 -5.67 7.58 -8.15
N TYR C 48 -6.23 6.80 -7.22
CA TYR C 48 -5.71 5.48 -6.88
C TYR C 48 -6.71 4.41 -7.27
N VAL C 49 -6.20 3.20 -7.62
CA VAL C 49 -7.02 2.04 -7.96
C VAL C 49 -6.41 0.84 -7.28
N LYS C 50 -7.18 0.09 -6.48
CA LYS C 50 -6.66 -1.11 -5.84
C LYS C 50 -6.70 -2.20 -6.94
N LEU C 51 -5.51 -2.69 -7.35
CA LEU C 51 -5.35 -3.68 -8.42
C LEU C 51 -4.27 -4.67 -8.02
N SER C 52 -4.62 -5.97 -7.87
CA SER C 52 -3.68 -7.00 -7.45
C SER C 52 -3.11 -6.65 -6.07
N GLY C 53 -3.99 -6.24 -5.16
CA GLY C 53 -3.62 -5.85 -3.80
C GLY C 53 -2.66 -4.69 -3.71
N GLU C 54 -2.57 -3.86 -4.75
CA GLU C 54 -1.66 -2.72 -4.80
C GLU C 54 -2.46 -1.44 -5.04
N CYS C 55 -2.10 -0.35 -4.34
CA CYS C 55 -2.75 0.94 -4.55
C CYS C 55 -2.03 1.65 -5.67
N LYS C 56 -2.46 1.42 -6.91
CA LYS C 56 -1.81 2.01 -8.08
C LYS C 56 -2.24 3.46 -8.29
N GLU C 57 -1.29 4.40 -8.13
CA GLU C 57 -1.53 5.82 -8.34
C GLU C 57 -1.46 6.12 -9.82
N SER C 58 -2.25 7.09 -10.24
CA SER C 58 -2.29 7.52 -11.62
C SER C 58 -2.60 9.01 -11.66
N THR C 59 -1.97 9.72 -12.60
CA THR C 59 -2.19 11.16 -12.81
C THR C 59 -2.44 11.31 -14.31
N VAL C 60 -3.71 11.53 -14.71
CA VAL C 60 -4.12 11.58 -16.12
C VAL C 60 -4.75 12.91 -16.54
N ILE C 61 -4.56 13.26 -17.83
CA ILE C 61 -5.02 14.48 -18.48
C ILE C 61 -6.24 14.18 -19.35
N ALA C 62 -7.44 14.68 -18.98
CA ALA C 62 -8.63 14.50 -19.80
C ALA C 62 -8.72 15.68 -20.77
N SER C 63 -9.02 15.40 -22.05
CA SER C 63 -9.03 16.43 -23.09
C SER C 63 -10.43 16.70 -23.64
N GLN C 64 -10.90 17.95 -23.51
CA GLN C 64 -12.22 18.36 -24.00
C GLN C 64 -12.29 18.32 -25.51
N THR C 65 -13.36 17.75 -26.04
CA THR C 65 -13.59 17.66 -27.48
C THR C 65 -14.43 18.87 -27.95
N PRO C 66 -14.71 19.00 -29.27
CA PRO C 66 -15.51 20.16 -29.73
C PRO C 66 -17.02 20.05 -29.45
N ASP C 67 -17.44 19.07 -28.62
CA ASP C 67 -18.85 18.83 -28.29
C ASP C 67 -19.08 18.82 -26.76
N ASP C 68 -18.20 19.50 -25.97
CA ASP C 68 -18.31 19.58 -24.51
C ASP C 68 -18.02 18.26 -23.78
N PHE C 69 -17.64 17.18 -24.53
CA PHE C 69 -17.28 15.88 -23.95
C PHE C 69 -15.77 15.81 -23.64
N TYR C 70 -15.31 14.78 -22.88
CA TYR C 70 -13.90 14.65 -22.49
C TYR C 70 -13.32 13.26 -22.80
N THR C 71 -12.11 13.23 -23.40
CA THR C 71 -11.41 12.00 -23.76
C THR C 71 -10.16 11.86 -22.94
N VAL C 72 -10.10 10.77 -22.17
CA VAL C 72 -8.93 10.45 -21.38
C VAL C 72 -8.62 8.97 -21.59
N GLN C 73 -7.32 8.63 -21.53
CA GLN C 73 -6.88 7.25 -21.62
C GLN C 73 -6.67 6.73 -20.22
N PHE C 74 -7.44 5.70 -19.84
CA PHE C 74 -7.31 5.07 -18.53
C PHE C 74 -8.03 3.75 -18.55
N ALA C 75 -7.30 2.63 -18.48
CA ALA C 75 -7.89 1.27 -18.57
C ALA C 75 -8.76 1.13 -19.83
N GLY C 76 -8.34 1.79 -20.91
CA GLY C 76 -9.05 1.88 -22.18
C GLY C 76 -9.36 3.31 -22.55
N GLU C 77 -10.12 3.49 -23.63
CA GLU C 77 -10.50 4.81 -24.11
C GLU C 77 -11.75 5.24 -23.36
N ASN C 78 -11.79 6.49 -22.88
CA ASN C 78 -12.94 6.98 -22.12
C ASN C 78 -13.52 8.23 -22.73
N THR C 79 -14.85 8.36 -22.67
CA THR C 79 -15.56 9.55 -23.13
C THR C 79 -16.63 9.90 -22.09
N PHE C 80 -16.39 10.94 -21.27
CA PHE C 80 -17.34 11.33 -20.23
C PHE C 80 -17.80 12.78 -20.35
N LEU C 81 -18.99 13.06 -19.82
CA LEU C 81 -19.58 14.40 -19.78
C LEU C 81 -19.78 14.78 -18.30
N ILE C 82 -19.73 16.09 -17.97
CA ILE C 82 -19.96 16.50 -16.58
C ILE C 82 -21.48 16.68 -16.43
N VAL C 83 -22.17 15.61 -15.99
CA VAL C 83 -23.63 15.61 -15.88
C VAL C 83 -24.15 16.62 -14.87
N ASP C 84 -23.42 16.83 -13.76
CA ASP C 84 -23.82 17.80 -12.74
C ASP C 84 -22.57 18.41 -12.10
N LYS C 85 -22.69 19.64 -11.60
CA LYS C 85 -21.58 20.34 -10.95
C LYS C 85 -22.14 21.29 -9.89
N GLN C 86 -21.96 20.95 -8.62
CA GLN C 86 -22.39 21.77 -7.48
C GLN C 86 -21.12 22.36 -6.80
N GLU C 87 -21.26 23.08 -5.67
CA GLU C 87 -20.11 23.70 -5.01
C GLU C 87 -19.17 22.64 -4.41
N ASP C 88 -19.73 21.64 -3.73
CA ASP C 88 -18.92 20.60 -3.10
C ASP C 88 -18.99 19.24 -3.83
N LEU C 89 -19.77 19.10 -4.92
CA LEU C 89 -19.91 17.83 -5.63
C LEU C 89 -19.83 18.03 -7.15
N PHE C 90 -19.82 16.92 -7.91
CA PHE C 90 -19.92 16.89 -9.38
C PHE C 90 -20.03 15.44 -9.85
N THR C 91 -20.78 15.19 -10.92
CA THR C 91 -20.98 13.84 -11.43
C THR C 91 -20.50 13.71 -12.89
N LEU C 92 -20.12 12.49 -13.28
CA LEU C 92 -19.65 12.19 -14.64
C LEU C 92 -20.41 10.99 -15.17
N TYR C 93 -20.55 10.89 -16.51
CA TYR C 93 -21.14 9.73 -17.16
C TYR C 93 -20.14 9.33 -18.22
N ASN C 94 -19.34 8.30 -17.91
CA ASN C 94 -18.28 7.79 -18.77
C ASN C 94 -18.69 6.58 -19.58
N THR C 95 -18.04 6.38 -20.73
CA THR C 95 -18.21 5.22 -21.61
C THR C 95 -16.79 4.67 -21.80
N ASN C 96 -16.45 3.59 -21.07
CA ASN C 96 -15.12 2.98 -21.08
C ASN C 96 -15.01 1.83 -22.09
N VAL C 97 -14.04 1.90 -23.03
CA VAL C 97 -13.79 0.86 -24.03
C VAL C 97 -12.45 0.20 -23.64
N ASP C 98 -12.47 -0.89 -22.87
CA ASP C 98 -11.26 -1.56 -22.42
C ASP C 98 -10.41 -2.17 -23.58
N GLU C 99 -9.28 -2.83 -23.26
CA GLU C 99 -8.40 -3.45 -24.27
C GLU C 99 -9.17 -4.44 -25.13
N ASN C 100 -10.13 -5.16 -24.54
CA ASN C 100 -10.94 -6.14 -25.25
C ASN C 100 -12.22 -5.58 -25.90
N GLY C 101 -12.31 -4.26 -26.05
CA GLY C 101 -13.46 -3.62 -26.67
C GLY C 101 -14.76 -3.60 -25.88
N LEU C 102 -14.79 -4.13 -24.65
CA LEU C 102 -16.01 -4.11 -23.83
C LEU C 102 -16.35 -2.69 -23.47
N VAL C 103 -17.58 -2.28 -23.80
CA VAL C 103 -18.06 -0.95 -23.50
C VAL C 103 -18.80 -0.96 -22.15
N THR C 104 -18.14 -0.42 -21.12
CA THR C 104 -18.72 -0.30 -19.80
C THR C 104 -19.08 1.18 -19.56
N ARG C 105 -20.37 1.50 -19.70
CA ARG C 105 -20.86 2.85 -19.45
C ARG C 105 -21.35 2.95 -18.00
N GLY C 106 -21.16 4.10 -17.39
CA GLY C 106 -21.55 4.30 -16.00
C GLY C 106 -21.34 5.70 -15.48
N TYR C 107 -21.75 5.93 -14.23
CA TYR C 107 -21.64 7.23 -13.57
C TYR C 107 -20.52 7.25 -12.53
N ALA C 108 -20.11 8.45 -12.11
CA ALA C 108 -19.07 8.63 -11.09
C ALA C 108 -19.28 9.95 -10.35
N ILE C 109 -19.64 9.90 -9.05
CA ILE C 109 -19.84 11.11 -8.24
C ILE C 109 -18.55 11.39 -7.51
N ILE C 110 -18.05 12.64 -7.62
CA ILE C 110 -16.81 13.07 -6.97
C ILE C 110 -17.15 14.35 -6.22
N GLY C 111 -16.69 14.43 -4.98
CA GLY C 111 -16.99 15.58 -4.14
C GLY C 111 -16.03 15.77 -2.98
N LYS C 112 -16.35 16.71 -2.11
CA LYS C 112 -15.55 17.02 -0.93
C LYS C 112 -16.03 16.20 0.31
N ARG C 113 -17.26 15.67 0.29
CA ARG C 113 -17.78 14.85 1.39
C ARG C 113 -17.59 13.35 1.04
N ASP C 114 -17.95 12.43 1.95
CA ASP C 114 -17.79 11.00 1.69
C ASP C 114 -19.12 10.27 1.45
N SER C 115 -20.29 10.95 1.53
CA SER C 115 -21.56 10.28 1.26
C SER C 115 -22.65 11.24 0.72
N LEU C 116 -23.67 10.71 0.03
CA LEU C 116 -24.78 11.49 -0.52
C LEU C 116 -25.91 11.60 0.50
N THR C 117 -26.70 12.68 0.42
CA THR C 117 -27.87 12.82 1.29
C THR C 117 -28.96 11.88 0.76
N PRO C 118 -29.98 11.50 1.57
CA PRO C 118 -31.04 10.61 1.05
C PRO C 118 -31.69 11.13 -0.24
N GLU C 119 -31.81 12.46 -0.35
CA GLU C 119 -32.39 13.11 -1.53
C GLU C 119 -31.45 12.96 -2.72
N GLU C 120 -30.13 13.15 -2.52
CA GLU C 120 -29.13 12.98 -3.57
C GLU C 120 -29.00 11.53 -4.01
N THR C 121 -29.21 10.58 -3.09
CA THR C 121 -29.12 9.16 -3.37
C THR C 121 -30.27 8.75 -4.30
N SER C 122 -31.52 9.08 -3.94
CA SER C 122 -32.68 8.72 -4.75
C SER C 122 -32.57 9.26 -6.19
N HIS C 123 -32.12 10.51 -6.37
CA HIS C 123 -31.94 11.09 -7.70
C HIS C 123 -30.86 10.32 -8.48
N PHE C 124 -29.77 9.91 -7.80
CA PHE C 124 -28.71 9.16 -8.45
C PHE C 124 -29.20 7.79 -8.90
N GLU C 125 -30.01 7.13 -8.06
CA GLU C 125 -30.59 5.83 -8.40
C GLU C 125 -31.49 5.96 -9.62
N GLU C 126 -32.32 7.03 -9.67
CA GLU C 126 -33.19 7.29 -10.80
C GLU C 126 -32.36 7.51 -12.06
N ALA C 127 -31.31 8.35 -11.97
CA ALA C 127 -30.43 8.63 -13.11
C ALA C 127 -29.79 7.38 -13.66
N ASN C 128 -29.39 6.45 -12.76
CA ASN C 128 -28.77 5.20 -13.19
C ASN C 128 -29.77 4.30 -13.91
N GLU C 129 -30.90 3.96 -13.26
CA GLU C 129 -31.90 3.10 -13.89
C GLU C 129 -32.43 3.72 -15.19
N LEU C 130 -32.52 5.07 -15.24
CA LEU C 130 -32.92 5.80 -16.44
C LEU C 130 -31.93 5.55 -17.58
N LYS C 131 -30.61 5.60 -17.30
CA LYS C 131 -29.59 5.34 -18.31
C LYS C 131 -29.22 3.83 -18.38
N GLY C 132 -30.17 2.95 -18.06
CA GLY C 132 -29.99 1.50 -18.13
C GLY C 132 -29.28 0.81 -16.99
N ILE C 133 -28.42 1.51 -16.22
CA ILE C 133 -27.67 0.88 -15.13
C ILE C 133 -28.57 0.53 -13.93
N PRO C 134 -28.58 -0.72 -13.41
CA PRO C 134 -29.46 -1.01 -12.25
C PRO C 134 -29.06 -0.31 -10.95
N LYS C 135 -30.00 -0.20 -10.03
CA LYS C 135 -29.77 0.39 -8.70
C LYS C 135 -28.68 -0.39 -7.95
N GLY C 136 -28.64 -1.71 -8.13
CA GLY C 136 -27.66 -2.57 -7.49
C GLY C 136 -26.24 -2.35 -7.96
N ASN C 137 -26.07 -1.95 -9.23
CA ASN C 137 -24.75 -1.68 -9.79
C ASN C 137 -24.23 -0.29 -9.39
N ILE C 138 -24.32 0.06 -8.08
CA ILE C 138 -23.83 1.34 -7.55
C ILE C 138 -22.97 1.03 -6.33
N GLU C 139 -21.65 1.21 -6.45
CA GLU C 139 -20.70 0.99 -5.37
C GLU C 139 -20.48 2.32 -4.65
N TYR C 140 -20.62 2.35 -3.31
CA TYR C 140 -20.39 3.55 -2.51
C TYR C 140 -19.04 3.36 -1.83
N LEU C 141 -17.98 3.98 -2.39
CA LEU C 141 -16.62 3.83 -1.89
C LEU C 141 -16.34 4.43 -0.50
N ALA C 142 -17.36 4.96 0.19
CA ALA C 142 -17.17 5.51 1.52
C ALA C 142 -16.65 4.45 2.50
N GLY C 143 -15.54 4.75 3.16
CA GLY C 143 -14.95 3.86 4.15
C GLY C 143 -14.14 2.70 3.61
N THR C 144 -14.02 2.56 2.29
CA THR C 144 -13.20 1.50 1.69
C THR C 144 -11.93 2.06 1.02
N ASP C 145 -11.52 3.30 1.37
CA ASP C 145 -10.36 3.91 0.77
C ASP C 145 -9.13 3.69 1.63
N ASP C 146 -8.49 2.52 1.46
CA ASP C 146 -7.29 2.19 2.23
C ASP C 146 -6.01 2.55 1.46
N CYS C 147 -6.06 3.55 0.55
CA CYS C 147 -4.89 3.99 -0.21
C CYS C 147 -4.29 5.30 0.37
N PRO C 148 -3.03 5.66 0.02
CA PRO C 148 -2.41 6.87 0.60
C PRO C 148 -2.52 8.10 -0.34
N GLU C 149 -1.62 9.11 -0.24
CA GLU C 149 -1.54 10.27 -1.14
C GLU C 149 -0.11 10.46 -1.72
N ARG C 150 0.73 9.40 -1.72
CA ARG C 150 2.12 9.45 -2.23
C ARG C 150 2.16 9.53 -3.77
N ILE D 4 19.62 11.64 -14.23
CA ILE D 4 18.17 11.65 -14.43
C ILE D 4 17.56 10.39 -13.80
N ASN D 5 17.80 10.20 -12.48
CA ASN D 5 17.30 9.04 -11.72
C ASN D 5 15.84 9.23 -11.23
N GLY D 6 15.28 8.17 -10.63
CA GLY D 6 13.95 8.22 -10.05
C GLY D 6 13.05 7.03 -10.34
N ASP D 7 11.75 7.20 -9.99
CA ASP D 7 10.67 6.23 -10.17
C ASP D 7 9.81 6.71 -11.33
N TRP D 8 9.85 6.02 -12.46
CA TRP D 8 9.13 6.42 -13.68
C TRP D 8 8.00 5.45 -14.06
N ASN D 9 7.10 5.90 -14.96
CA ASN D 9 5.96 5.15 -15.47
C ASN D 9 5.95 5.21 -16.99
N THR D 10 5.61 4.11 -17.68
CA THR D 10 5.48 4.15 -19.14
C THR D 10 4.16 4.85 -19.45
N ILE D 11 4.19 5.85 -20.34
CA ILE D 11 2.98 6.58 -20.68
C ILE D 11 2.36 5.97 -21.93
N ALA D 12 3.21 5.71 -22.97
CA ALA D 12 2.77 5.11 -24.22
C ALA D 12 3.90 4.37 -24.91
N LEU D 13 3.55 3.39 -25.75
CA LEU D 13 4.49 2.60 -26.55
C LEU D 13 3.99 2.55 -27.97
N SER D 14 4.90 2.36 -28.91
CA SER D 14 4.53 2.22 -30.31
C SER D 14 5.46 1.24 -31.01
N ALA D 15 4.96 0.54 -32.03
CA ALA D 15 5.72 -0.44 -32.78
C ALA D 15 5.12 -0.67 -34.15
N ASP D 16 5.98 -0.85 -35.17
CA ASP D 16 5.51 -1.17 -36.52
C ASP D 16 4.76 -2.53 -36.51
N ASN D 17 5.28 -3.49 -35.71
CA ASN D 17 4.66 -4.79 -35.46
C ASN D 17 3.98 -4.64 -34.10
N LYS D 18 2.74 -4.11 -34.10
CA LYS D 18 1.99 -3.81 -32.87
C LYS D 18 1.92 -4.96 -31.85
N GLU D 19 1.95 -6.21 -32.33
CA GLU D 19 1.85 -7.40 -31.48
C GLU D 19 2.85 -7.42 -30.34
N LYS D 20 4.06 -6.88 -30.55
CA LYS D 20 5.10 -6.84 -29.52
C LYS D 20 4.75 -5.97 -28.32
N ILE D 21 3.92 -4.91 -28.51
CA ILE D 21 3.53 -4.02 -27.42
C ILE D 21 2.07 -4.25 -26.96
N GLU D 22 1.37 -5.28 -27.46
CA GLU D 22 -0.01 -5.55 -27.02
C GLU D 22 0.03 -6.32 -25.70
N GLU D 23 -1.12 -6.44 -25.00
CA GLU D 23 -1.19 -7.17 -23.73
C GLU D 23 -0.75 -8.62 -23.95
N GLY D 24 0.45 -8.93 -23.50
CA GLY D 24 1.04 -10.25 -23.69
C GLY D 24 2.38 -10.19 -24.41
N GLY D 25 2.55 -9.20 -25.28
CA GLY D 25 3.79 -9.04 -26.03
C GLY D 25 4.97 -8.77 -25.10
N PRO D 26 6.20 -9.16 -25.51
CA PRO D 26 7.37 -8.96 -24.64
C PRO D 26 7.85 -7.52 -24.51
N LEU D 27 7.42 -6.63 -25.42
CA LEU D 27 7.81 -5.23 -25.37
C LEU D 27 6.74 -4.32 -24.74
N ARG D 28 5.61 -4.88 -24.23
CA ARG D 28 4.63 -4.07 -23.50
C ARG D 28 5.23 -3.94 -22.11
N VAL D 29 6.18 -3.01 -21.98
CA VAL D 29 6.98 -2.81 -20.76
C VAL D 29 6.48 -1.66 -19.90
N TYR D 30 6.06 -1.97 -18.66
CA TYR D 30 5.62 -0.97 -17.70
C TYR D 30 6.86 -0.66 -16.87
N PHE D 31 7.38 0.57 -16.97
CA PHE D 31 8.62 0.94 -16.26
C PHE D 31 8.38 1.26 -14.82
N ARG D 32 9.44 1.11 -14.01
CA ARG D 32 9.42 1.37 -12.57
C ARG D 32 10.55 2.29 -12.08
N GLN D 33 11.76 2.16 -12.64
CA GLN D 33 12.90 2.99 -12.27
C GLN D 33 13.82 3.15 -13.45
N VAL D 34 14.37 4.36 -13.61
CA VAL D 34 15.32 4.68 -14.68
C VAL D 34 16.46 5.41 -13.97
N ASP D 35 17.51 4.67 -13.60
CA ASP D 35 18.64 5.20 -12.86
C ASP D 35 19.90 5.35 -13.72
N CYS D 36 20.27 6.59 -14.00
CA CYS D 36 21.44 6.93 -14.82
C CYS D 36 22.70 6.91 -13.94
N ASN D 37 23.87 6.56 -14.52
CA ASN D 37 25.13 6.61 -13.76
C ASN D 37 25.68 8.09 -13.79
N ASP D 38 26.96 8.33 -13.41
CA ASP D 38 27.51 9.69 -13.39
C ASP D 38 27.36 10.42 -14.75
N ASP D 39 27.97 9.88 -15.82
CA ASP D 39 27.92 10.49 -17.17
C ASP D 39 26.82 9.92 -18.08
N CYS D 40 25.93 9.08 -17.55
CA CYS D 40 24.86 8.44 -18.31
C CYS D 40 25.36 7.51 -19.42
N SER D 41 26.57 6.98 -19.27
CA SER D 41 27.09 5.97 -20.18
C SER D 41 26.36 4.63 -19.91
N GLU D 42 25.82 4.41 -18.67
CA GLU D 42 25.07 3.21 -18.30
C GLU D 42 23.77 3.65 -17.61
N ILE D 43 22.62 3.11 -18.07
CA ILE D 43 21.30 3.42 -17.52
C ILE D 43 20.65 2.13 -17.06
N THR D 44 20.33 2.02 -15.76
CA THR D 44 19.69 0.84 -15.22
C THR D 44 18.18 1.05 -15.26
N PHE D 45 17.45 0.08 -15.83
CA PHE D 45 15.99 0.13 -15.96
C PHE D 45 15.34 -1.01 -15.21
N ARG D 46 14.50 -0.70 -14.21
CA ARG D 46 13.72 -1.73 -13.52
C ARG D 46 12.32 -1.63 -14.16
N LEU D 47 11.81 -2.76 -14.69
CA LEU D 47 10.51 -2.76 -15.37
C LEU D 47 9.82 -4.09 -15.31
N TYR D 48 8.49 -4.08 -15.48
CA TYR D 48 7.66 -5.28 -15.48
C TYR D 48 7.05 -5.51 -16.85
N VAL D 49 6.81 -6.78 -17.20
CA VAL D 49 6.18 -7.18 -18.46
C VAL D 49 5.17 -8.28 -18.13
N LYS D 50 3.88 -8.11 -18.52
CA LYS D 50 2.89 -9.15 -18.28
C LYS D 50 3.12 -10.19 -19.40
N LEU D 51 3.54 -11.41 -19.02
CA LEU D 51 3.86 -12.50 -19.96
C LEU D 51 3.35 -13.81 -19.38
N SER D 52 2.41 -14.48 -20.09
CA SER D 52 1.80 -15.72 -19.62
C SER D 52 1.10 -15.49 -18.27
N GLY D 53 0.36 -14.39 -18.19
CA GLY D 53 -0.35 -14.00 -16.97
C GLY D 53 0.53 -13.76 -15.75
N GLU D 54 1.82 -13.49 -15.95
CA GLU D 54 2.77 -13.28 -14.88
C GLU D 54 3.41 -11.90 -15.02
N CYS D 55 3.60 -11.17 -13.91
CA CYS D 55 4.27 -9.87 -13.95
C CYS D 55 5.75 -10.11 -13.80
N LYS D 56 6.44 -10.31 -14.93
CA LYS D 56 7.87 -10.60 -14.91
C LYS D 56 8.71 -9.34 -14.73
N GLU D 57 9.41 -9.23 -13.58
CA GLU D 57 10.28 -8.10 -13.28
C GLU D 57 11.61 -8.30 -13.97
N SER D 58 12.24 -7.20 -14.36
CA SER D 58 13.53 -7.21 -15.02
C SER D 58 14.29 -5.94 -14.63
N THR D 59 15.60 -6.07 -14.44
CA THR D 59 16.48 -4.94 -14.11
C THR D 59 17.65 -5.03 -15.10
N VAL D 60 17.68 -4.15 -16.11
CA VAL D 60 18.67 -4.20 -17.19
C VAL D 60 19.52 -2.93 -17.33
N ILE D 61 20.76 -3.09 -17.84
CA ILE D 61 21.73 -2.01 -18.03
C ILE D 61 21.81 -1.66 -19.51
N ALA D 62 21.71 -0.36 -19.85
CA ALA D 62 21.82 0.12 -21.22
C ALA D 62 23.15 0.84 -21.38
N SER D 63 23.99 0.37 -22.31
CA SER D 63 25.33 0.89 -22.54
C SER D 63 25.37 1.88 -23.72
N GLN D 64 25.92 3.09 -23.50
CA GLN D 64 26.01 4.09 -24.56
C GLN D 64 27.11 3.69 -25.54
N THR D 65 26.82 3.76 -26.83
CA THR D 65 27.76 3.44 -27.89
C THR D 65 28.57 4.70 -28.26
N PRO D 66 29.56 4.62 -29.19
CA PRO D 66 30.30 5.85 -29.56
C PRO D 66 29.53 6.82 -30.45
N ASP D 67 28.22 6.58 -30.67
CA ASP D 67 27.37 7.39 -31.53
C ASP D 67 26.14 7.93 -30.79
N ASP D 68 26.21 8.09 -29.46
CA ASP D 68 25.10 8.59 -28.65
C ASP D 68 23.90 7.63 -28.56
N PHE D 69 24.01 6.41 -29.16
CA PHE D 69 22.96 5.38 -29.12
C PHE D 69 23.14 4.48 -27.89
N TYR D 70 22.12 3.69 -27.54
CA TYR D 70 22.19 2.83 -26.36
C TYR D 70 21.81 1.39 -26.69
N THR D 71 22.72 0.46 -26.37
CA THR D 71 22.54 -0.97 -26.56
C THR D 71 22.04 -1.59 -25.25
N VAL D 72 21.14 -2.57 -25.33
CA VAL D 72 20.63 -3.27 -24.16
C VAL D 72 20.00 -4.58 -24.59
N GLN D 73 20.20 -5.65 -23.81
CA GLN D 73 19.64 -6.96 -24.12
C GLN D 73 18.33 -7.11 -23.39
N PHE D 74 17.23 -7.28 -24.13
CA PHE D 74 15.91 -7.49 -23.55
C PHE D 74 14.97 -7.98 -24.61
N ALA D 75 14.53 -9.25 -24.53
CA ALA D 75 13.67 -9.88 -25.55
C ALA D 75 14.29 -9.74 -26.95
N GLY D 76 15.62 -9.81 -27.01
CA GLY D 76 16.42 -9.60 -28.21
C GLY D 76 17.41 -8.47 -28.04
N GLU D 77 18.09 -8.12 -29.13
CA GLU D 77 19.08 -7.04 -29.12
C GLU D 77 18.34 -5.74 -29.38
N ASN D 78 18.66 -4.69 -28.62
CA ASN D 78 17.99 -3.40 -28.77
C ASN D 78 18.98 -2.29 -28.97
N THR D 79 18.58 -1.30 -29.79
CA THR D 79 19.41 -0.13 -30.04
C THR D 79 18.45 1.08 -30.05
N PHE D 80 18.45 1.90 -28.99
CA PHE D 80 17.55 3.05 -28.89
C PHE D 80 18.29 4.36 -28.68
N LEU D 81 17.67 5.46 -29.09
CA LEU D 81 18.19 6.82 -28.93
C LEU D 81 17.20 7.60 -28.05
N ILE D 82 17.67 8.61 -27.29
CA ILE D 82 16.76 9.40 -26.46
C ILE D 82 16.27 10.54 -27.37
N VAL D 83 15.13 10.33 -28.04
CA VAL D 83 14.58 11.29 -28.99
C VAL D 83 14.19 12.63 -28.34
N ASP D 84 13.68 12.59 -27.11
CA ASP D 84 13.30 13.79 -26.38
C ASP D 84 13.54 13.59 -24.88
N LYS D 85 13.80 14.69 -24.16
CA LYS D 85 14.02 14.66 -22.71
C LYS D 85 13.55 15.97 -22.10
N GLN D 86 12.42 15.93 -21.38
CA GLN D 86 11.87 17.08 -20.67
C GLN D 86 12.05 16.86 -19.14
N GLU D 87 11.53 17.76 -18.29
CA GLU D 87 11.70 17.62 -16.84
C GLU D 87 10.92 16.41 -16.30
N ASP D 88 9.66 16.25 -16.72
CA ASP D 88 8.76 15.19 -16.26
C ASP D 88 8.54 14.07 -17.31
N LEU D 89 9.21 14.12 -18.47
CA LEU D 89 9.03 13.12 -19.53
C LEU D 89 10.33 12.86 -20.30
N PHE D 90 10.33 11.83 -21.14
CA PHE D 90 11.42 11.49 -22.08
C PHE D 90 10.96 10.40 -23.03
N THR D 91 11.41 10.43 -24.29
CA THR D 91 11.00 9.43 -25.28
C THR D 91 12.20 8.67 -25.84
N LEU D 92 11.96 7.44 -26.32
CA LEU D 92 12.98 6.58 -26.91
C LEU D 92 12.50 6.06 -28.25
N TYR D 93 13.42 5.74 -29.16
CA TYR D 93 13.10 5.12 -30.43
C TYR D 93 14.02 3.91 -30.51
N ASN D 94 13.45 2.74 -30.21
CA ASN D 94 14.17 1.47 -30.19
C ASN D 94 14.00 0.65 -31.46
N THR D 95 14.98 -0.20 -31.75
CA THR D 95 14.97 -1.15 -32.87
C THR D 95 15.26 -2.51 -32.22
N ASN D 96 14.19 -3.32 -32.02
CA ASN D 96 14.29 -4.63 -31.35
C ASN D 96 14.46 -5.78 -32.35
N VAL D 97 15.53 -6.59 -32.18
CA VAL D 97 15.80 -7.76 -33.02
C VAL D 97 15.57 -8.99 -32.14
N ASP D 98 14.35 -9.56 -32.17
CA ASP D 98 14.01 -10.72 -31.33
C ASP D 98 14.82 -12.00 -31.68
N GLU D 99 14.57 -13.13 -30.98
CA GLU D 99 15.27 -14.40 -31.21
C GLU D 99 15.16 -14.83 -32.67
N ASN D 100 14.01 -14.58 -33.31
CA ASN D 100 13.75 -14.95 -34.70
C ASN D 100 14.19 -13.88 -35.73
N GLY D 101 15.00 -12.91 -35.32
CA GLY D 101 15.47 -11.86 -36.22
C GLY D 101 14.48 -10.80 -36.65
N LEU D 102 13.22 -10.86 -36.19
CA LEU D 102 12.21 -9.85 -36.55
C LEU D 102 12.61 -8.51 -35.98
N VAL D 103 12.71 -7.51 -36.85
CA VAL D 103 13.05 -6.16 -36.45
C VAL D 103 11.78 -5.35 -36.18
N THR D 104 11.49 -5.12 -34.90
CA THR D 104 10.35 -4.33 -34.48
C THR D 104 10.87 -2.98 -33.98
N ARG D 105 10.75 -1.96 -34.82
CA ARG D 105 11.16 -0.60 -34.45
C ARG D 105 9.94 0.16 -33.92
N GLY D 106 10.16 1.03 -32.94
CA GLY D 106 9.08 1.78 -32.32
C GLY D 106 9.52 2.78 -31.29
N TYR D 107 8.55 3.52 -30.75
CA TYR D 107 8.79 4.55 -29.74
C TYR D 107 8.34 4.10 -28.34
N ALA D 108 8.82 4.81 -27.31
CA ALA D 108 8.46 4.54 -25.93
C ALA D 108 8.56 5.82 -25.09
N ILE D 109 7.41 6.34 -24.60
CA ILE D 109 7.39 7.54 -23.76
C ILE D 109 7.39 7.10 -22.31
N ILE D 110 8.31 7.65 -21.52
CA ILE D 110 8.45 7.34 -20.10
C ILE D 110 8.45 8.67 -19.35
N GLY D 111 7.69 8.75 -18.28
CA GLY D 111 7.58 9.98 -17.52
C GLY D 111 7.07 9.79 -16.11
N LYS D 112 6.84 10.90 -15.43
CA LYS D 112 6.33 10.91 -14.06
C LYS D 112 4.79 10.94 -14.02
N ARG D 113 4.12 11.34 -15.12
CA ARG D 113 2.66 11.35 -15.19
C ARG D 113 2.18 10.05 -15.88
N ASP D 114 0.86 9.84 -15.97
CA ASP D 114 0.31 8.66 -16.60
C ASP D 114 -0.33 8.90 -17.97
N SER D 115 -0.49 10.16 -18.45
CA SER D 115 -1.05 10.38 -19.80
C SER D 115 -0.59 11.75 -20.38
N LEU D 116 -0.42 11.82 -21.74
CA LEU D 116 0.10 12.99 -22.47
C LEU D 116 -0.87 14.15 -22.67
N THR D 117 -0.34 15.41 -22.77
CA THR D 117 -1.20 16.57 -23.08
C THR D 117 -1.53 16.55 -24.58
N PRO D 118 -2.66 17.12 -25.02
CA PRO D 118 -2.97 17.14 -26.46
C PRO D 118 -1.83 17.56 -27.39
N GLU D 119 -1.06 18.61 -27.03
CA GLU D 119 0.08 19.09 -27.84
C GLU D 119 1.13 17.98 -27.98
N GLU D 120 1.38 17.22 -26.90
CA GLU D 120 2.33 16.10 -26.91
C GLU D 120 1.76 14.91 -27.70
N THR D 121 0.44 14.67 -27.61
CA THR D 121 -0.22 13.53 -28.27
C THR D 121 -0.20 13.66 -29.77
N SER D 122 -0.52 14.85 -30.31
CA SER D 122 -0.48 15.07 -31.75
C SER D 122 0.96 14.99 -32.24
N HIS D 123 1.90 15.60 -31.50
CA HIS D 123 3.31 15.56 -31.83
C HIS D 123 3.83 14.11 -31.84
N PHE D 124 3.34 13.23 -30.93
CA PHE D 124 3.74 11.83 -30.88
C PHE D 124 3.17 11.05 -32.06
N GLU D 125 1.90 11.31 -32.40
CA GLU D 125 1.26 10.66 -33.53
C GLU D 125 1.98 11.02 -34.83
N GLU D 126 2.35 12.31 -34.98
CA GLU D 126 3.10 12.77 -36.14
C GLU D 126 4.46 12.08 -36.21
N ALA D 127 5.18 12.02 -35.08
CA ALA D 127 6.49 11.37 -35.02
C ALA D 127 6.41 9.90 -35.42
N ASN D 128 5.34 9.21 -35.00
CA ASN D 128 5.16 7.79 -35.33
C ASN D 128 4.90 7.60 -36.83
N GLU D 129 3.86 8.26 -37.38
CA GLU D 129 3.55 8.13 -38.81
C GLU D 129 4.74 8.58 -39.67
N LEU D 130 5.49 9.59 -39.20
CA LEU D 130 6.70 10.07 -39.87
C LEU D 130 7.75 8.96 -39.95
N LYS D 131 7.96 8.22 -38.85
CA LYS D 131 8.91 7.11 -38.84
C LYS D 131 8.25 5.76 -39.26
N GLY D 132 7.22 5.83 -40.09
CA GLY D 132 6.53 4.66 -40.61
C GLY D 132 5.49 4.00 -39.75
N ILE D 133 5.55 4.15 -38.41
CA ILE D 133 4.60 3.48 -37.50
C ILE D 133 3.20 4.12 -37.58
N PRO D 134 2.09 3.37 -37.80
CA PRO D 134 0.76 4.02 -37.85
C PRO D 134 0.28 4.59 -36.53
N LYS D 135 -0.67 5.53 -36.60
CA LYS D 135 -1.28 6.14 -35.41
C LYS D 135 -1.96 5.06 -34.54
N GLY D 136 -2.53 4.04 -35.18
CA GLY D 136 -3.21 2.95 -34.48
C GLY D 136 -2.27 2.07 -33.67
N ASN D 137 -1.02 1.92 -34.13
CA ASN D 137 -0.04 1.12 -33.43
C ASN D 137 0.59 1.89 -32.25
N ILE D 138 -0.24 2.55 -31.40
CA ILE D 138 0.22 3.27 -30.21
C ILE D 138 -0.63 2.80 -29.03
N GLU D 139 -0.03 2.05 -28.11
CA GLU D 139 -0.71 1.56 -26.91
C GLU D 139 -0.44 2.55 -25.78
N TYR D 140 -1.50 3.00 -25.09
CA TYR D 140 -1.39 3.92 -23.96
C TYR D 140 -1.59 3.08 -22.69
N LEU D 141 -0.49 2.72 -22.02
CA LEU D 141 -0.53 1.84 -20.86
C LEU D 141 -1.18 2.44 -19.60
N ALA D 142 -1.74 3.66 -19.68
CA ALA D 142 -2.41 4.26 -18.54
C ALA D 142 -3.59 3.41 -18.05
N GLY D 143 -3.58 3.08 -16.77
CA GLY D 143 -4.63 2.31 -16.14
C GLY D 143 -4.63 0.82 -16.39
N THR D 144 -3.65 0.30 -17.13
CA THR D 144 -3.52 -1.14 -17.37
C THR D 144 -2.29 -1.74 -16.64
N ASP D 145 -1.75 -1.03 -15.62
CA ASP D 145 -0.58 -1.48 -14.91
C ASP D 145 -0.98 -2.21 -13.64
N ASP D 146 -1.30 -3.51 -13.78
CA ASP D 146 -1.69 -4.32 -12.62
C ASP D 146 -0.50 -5.08 -12.02
N CYS D 147 0.74 -4.56 -12.18
CA CYS D 147 1.93 -5.20 -11.64
C CYS D 147 2.41 -4.49 -10.34
N PRO D 148 3.27 -5.14 -9.52
CA PRO D 148 3.70 -4.52 -8.25
C PRO D 148 5.06 -3.79 -8.35
N GLU D 149 5.83 -3.63 -7.24
CA GLU D 149 7.19 -3.06 -7.23
C GLU D 149 8.19 -4.01 -6.49
N ARG D 150 7.88 -5.32 -6.36
CA ARG D 150 8.73 -6.30 -5.66
C ARG D 150 9.97 -6.66 -6.49
N ILE E 4 24.41 -19.82 0.31
CA ILE E 4 24.12 -18.88 -0.77
C ILE E 4 22.73 -19.20 -1.38
N ASN E 5 21.69 -19.18 -0.53
CA ASN E 5 20.31 -19.48 -0.92
C ASN E 5 19.59 -18.25 -1.53
N GLY E 6 18.37 -18.47 -2.04
CA GLY E 6 17.54 -17.39 -2.58
C GLY E 6 16.82 -17.71 -3.89
N ASP E 7 16.25 -16.63 -4.47
CA ASP E 7 15.52 -16.63 -5.75
C ASP E 7 16.42 -15.98 -6.79
N TRP E 8 16.93 -16.76 -7.74
CA TRP E 8 17.86 -16.29 -8.75
C TRP E 8 17.28 -16.31 -10.17
N ASN E 9 17.94 -15.60 -11.11
CA ASN E 9 17.57 -15.47 -12.52
C ASN E 9 18.78 -15.78 -13.39
N THR E 10 18.59 -16.50 -14.50
CA THR E 10 19.70 -16.74 -15.43
C THR E 10 19.93 -15.44 -16.19
N ILE E 11 21.17 -14.99 -16.28
CA ILE E 11 21.46 -13.76 -16.99
C ILE E 11 21.87 -14.11 -18.41
N ALA E 12 22.82 -15.04 -18.53
CA ALA E 12 23.33 -15.45 -19.83
C ALA E 12 23.80 -16.90 -19.80
N LEU E 13 23.79 -17.54 -20.97
CA LEU E 13 24.25 -18.91 -21.15
C LEU E 13 25.17 -18.96 -22.35
N SER E 14 26.08 -19.91 -22.39
CA SER E 14 26.97 -20.10 -23.52
C SER E 14 27.25 -21.59 -23.73
N ALA E 15 27.50 -21.97 -24.99
CA ALA E 15 27.76 -23.36 -25.34
C ALA E 15 28.51 -23.44 -26.66
N ASP E 16 29.46 -24.38 -26.77
CA ASP E 16 30.20 -24.61 -28.02
C ASP E 16 29.19 -25.05 -29.12
N ASN E 17 28.20 -25.88 -28.74
CA ASN E 17 27.10 -26.31 -29.58
C ASN E 17 25.91 -25.44 -29.18
N LYS E 18 25.83 -24.23 -29.76
CA LYS E 18 24.82 -23.22 -29.42
C LYS E 18 23.38 -23.73 -29.39
N GLU E 19 23.06 -24.74 -30.20
CA GLU E 19 21.70 -25.31 -30.31
C GLU E 19 21.11 -25.73 -28.96
N LYS E 20 21.95 -26.22 -28.03
CA LYS E 20 21.50 -26.65 -26.72
C LYS E 20 20.95 -25.51 -25.86
N ILE E 21 21.44 -24.26 -26.05
CA ILE E 21 20.96 -23.11 -25.28
C ILE E 21 20.03 -22.18 -26.09
N GLU E 22 19.63 -22.56 -27.33
CA GLU E 22 18.72 -21.71 -28.11
C GLU E 22 17.28 -21.96 -27.64
N GLU E 23 16.32 -21.11 -28.07
CA GLU E 23 14.90 -21.27 -27.68
C GLU E 23 14.41 -22.64 -28.16
N GLY E 24 14.24 -23.55 -27.22
CA GLY E 24 13.84 -24.92 -27.51
C GLY E 24 14.84 -25.95 -27.03
N GLY E 25 16.12 -25.59 -26.98
CA GLY E 25 17.17 -26.48 -26.52
C GLY E 25 16.97 -26.87 -25.06
N PRO E 26 17.45 -28.06 -24.65
CA PRO E 26 17.25 -28.50 -23.26
C PRO E 26 18.09 -27.78 -22.22
N LEU E 27 19.15 -27.08 -22.64
CA LEU E 27 20.01 -26.36 -21.72
C LEU E 27 19.69 -24.85 -21.67
N ARG E 28 18.66 -24.36 -22.37
CA ARG E 28 18.24 -22.96 -22.24
C ARG E 28 17.41 -22.94 -20.96
N VAL E 29 18.12 -22.89 -19.82
CA VAL E 29 17.55 -23.00 -18.49
C VAL E 29 17.37 -21.65 -17.80
N TYR E 30 16.10 -21.29 -17.50
CA TYR E 30 15.78 -20.07 -16.78
C TYR E 30 15.70 -20.49 -15.32
N PHE E 31 16.62 -20.00 -14.47
CA PHE E 31 16.67 -20.41 -13.06
C PHE E 31 15.64 -19.67 -12.23
N ARG E 32 15.26 -20.30 -11.10
CA ARG E 32 14.28 -19.77 -10.15
C ARG E 32 14.77 -19.76 -8.69
N GLN E 33 15.49 -20.80 -8.27
CA GLN E 33 16.02 -20.90 -6.91
C GLN E 33 17.32 -21.69 -6.92
N VAL E 34 18.28 -21.25 -6.11
CA VAL E 34 19.57 -21.91 -5.94
C VAL E 34 19.77 -22.00 -4.44
N ASP E 35 19.40 -23.14 -3.84
CA ASP E 35 19.46 -23.35 -2.40
C ASP E 35 20.60 -24.29 -2.00
N CYS E 36 21.62 -23.73 -1.34
CA CYS E 36 22.79 -24.48 -0.89
C CYS E 36 22.49 -25.12 0.48
N ASN E 37 23.10 -26.29 0.78
CA ASN E 37 22.94 -26.89 2.11
C ASN E 37 23.99 -26.24 3.10
N ASP E 38 24.25 -26.83 4.28
CA ASP E 38 25.19 -26.25 5.24
C ASP E 38 26.60 -26.02 4.63
N ASP E 39 27.28 -27.08 4.17
CA ASP E 39 28.62 -26.99 3.58
C ASP E 39 28.64 -26.89 2.04
N CYS E 40 27.47 -26.72 1.41
CA CYS E 40 27.33 -26.63 -0.04
C CYS E 40 27.79 -27.89 -0.78
N SER E 41 27.66 -29.05 -0.15
CA SER E 41 27.88 -30.33 -0.81
C SER E 41 26.65 -30.67 -1.70
N GLU E 42 25.46 -30.03 -1.46
CA GLU E 42 24.22 -30.27 -2.20
C GLU E 42 23.44 -28.97 -2.48
N ILE E 43 23.56 -28.47 -3.72
CA ILE E 43 22.89 -27.26 -4.17
C ILE E 43 21.64 -27.68 -4.93
N THR E 44 20.47 -27.37 -4.39
CA THR E 44 19.19 -27.67 -5.03
C THR E 44 18.88 -26.52 -5.98
N PHE E 45 18.56 -26.85 -7.25
CA PHE E 45 18.23 -25.86 -8.28
C PHE E 45 16.82 -26.05 -8.78
N ARG E 46 15.97 -25.03 -8.62
CA ARG E 46 14.63 -25.06 -9.20
C ARG E 46 14.74 -24.20 -10.47
N LEU E 47 14.37 -24.76 -11.63
CA LEU E 47 14.50 -24.06 -12.91
C LEU E 47 13.48 -24.51 -13.94
N TYR E 48 13.22 -23.66 -14.93
CA TYR E 48 12.29 -23.93 -16.01
C TYR E 48 13.05 -24.01 -17.34
N VAL E 49 12.53 -24.83 -18.27
CA VAL E 49 13.09 -24.97 -19.62
C VAL E 49 11.92 -24.99 -20.59
N LYS E 50 11.92 -24.11 -21.61
CA LYS E 50 10.85 -24.11 -22.60
C LYS E 50 11.21 -25.26 -23.56
N LEU E 51 10.37 -26.31 -23.61
CA LEU E 51 10.58 -27.51 -24.43
C LEU E 51 9.26 -27.93 -25.02
N SER E 52 9.13 -27.93 -26.36
CA SER E 52 7.88 -28.28 -27.06
C SER E 52 6.75 -27.34 -26.63
N GLY E 53 7.07 -26.04 -26.58
CA GLY E 53 6.13 -25.01 -26.17
C GLY E 53 5.60 -25.14 -24.75
N GLU E 54 6.30 -25.87 -23.89
CA GLU E 54 5.88 -26.10 -22.51
C GLU E 54 6.96 -25.61 -21.55
N CYS E 55 6.56 -24.96 -20.45
CA CYS E 55 7.52 -24.50 -19.45
C CYS E 55 7.73 -25.64 -18.47
N LYS E 56 8.71 -26.52 -18.75
CA LYS E 56 8.97 -27.68 -17.91
C LYS E 56 9.79 -27.32 -16.67
N GLU E 57 9.17 -27.43 -15.48
CA GLU E 57 9.84 -27.15 -14.21
C GLU E 57 10.66 -28.34 -13.82
N SER E 58 11.77 -28.09 -13.14
CA SER E 58 12.67 -29.12 -12.66
C SER E 58 13.30 -28.66 -11.35
N THR E 59 13.50 -29.59 -10.42
CA THR E 59 14.14 -29.31 -9.14
C THR E 59 15.21 -30.39 -8.98
N VAL E 60 16.50 -30.02 -9.16
CA VAL E 60 17.61 -30.99 -9.16
C VAL E 60 18.67 -30.71 -8.09
N ILE E 61 19.33 -31.76 -7.62
CA ILE E 61 20.35 -31.68 -6.58
C ILE E 61 21.73 -31.79 -7.21
N ALA E 62 22.64 -30.86 -6.91
CA ALA E 62 24.01 -30.92 -7.41
C ALA E 62 24.91 -31.41 -6.30
N SER E 63 25.63 -32.52 -6.52
CA SER E 63 26.52 -33.08 -5.50
C SER E 63 27.97 -32.63 -5.75
N GLN E 64 28.73 -32.31 -4.68
CA GLN E 64 30.14 -31.94 -4.83
C GLN E 64 31.00 -33.22 -4.86
N THR E 65 32.01 -33.25 -5.72
CA THR E 65 32.93 -34.38 -5.84
C THR E 65 34.19 -34.10 -5.00
N PRO E 66 35.16 -35.05 -4.92
CA PRO E 66 36.35 -34.80 -4.10
C PRO E 66 37.35 -33.80 -4.70
N ASP E 67 36.98 -33.10 -5.80
CA ASP E 67 37.86 -32.17 -6.51
C ASP E 67 37.21 -30.78 -6.67
N ASP E 68 36.25 -30.41 -5.79
CA ASP E 68 35.55 -29.12 -5.82
C ASP E 68 34.58 -28.96 -7.02
N PHE E 69 34.40 -30.01 -7.86
CA PHE E 69 33.49 -30.01 -9.00
C PHE E 69 32.10 -30.48 -8.55
N TYR E 70 31.08 -30.23 -9.38
CA TYR E 70 29.70 -30.53 -9.07
C TYR E 70 29.02 -31.36 -10.17
N THR E 71 28.53 -32.54 -9.79
CA THR E 71 27.83 -33.44 -10.69
C THR E 71 26.33 -33.35 -10.47
N VAL E 72 25.57 -33.40 -11.56
CA VAL E 72 24.11 -33.34 -11.53
C VAL E 72 23.54 -33.95 -12.79
N GLN E 73 22.39 -34.62 -12.66
CA GLN E 73 21.73 -35.23 -13.80
C GLN E 73 20.66 -34.28 -14.32
N PHE E 74 20.81 -33.83 -15.57
CA PHE E 74 19.84 -32.95 -16.20
C PHE E 74 20.09 -32.92 -17.69
N ALA E 75 19.19 -33.49 -18.50
CA ALA E 75 19.36 -33.60 -19.96
C ALA E 75 20.73 -34.24 -20.31
N GLY E 76 21.14 -35.20 -19.48
CA GLY E 76 22.42 -35.87 -19.55
C GLY E 76 23.23 -35.70 -18.28
N GLU E 77 24.47 -36.18 -18.32
CA GLU E 77 25.36 -36.09 -17.16
C GLU E 77 26.05 -34.74 -17.22
N ASN E 78 26.15 -34.04 -16.09
CA ASN E 78 26.78 -32.71 -16.05
C ASN E 78 27.87 -32.64 -15.02
N THR E 79 28.94 -31.89 -15.34
CA THR E 79 30.05 -31.66 -14.41
C THR E 79 30.43 -30.16 -14.52
N PHE E 80 30.06 -29.37 -13.52
CA PHE E 80 30.35 -27.93 -13.53
C PHE E 80 31.14 -27.47 -12.32
N LEU E 81 31.87 -26.37 -12.49
CA LEU E 81 32.66 -25.73 -11.42
C LEU E 81 32.10 -24.30 -11.23
N ILE E 82 32.21 -23.74 -10.02
CA ILE E 82 31.73 -22.37 -9.79
C ILE E 82 32.91 -21.45 -10.15
N VAL E 83 32.96 -20.99 -11.41
CA VAL E 83 34.07 -20.17 -11.91
C VAL E 83 34.17 -18.83 -11.19
N ASP E 84 33.06 -18.22 -10.83
CA ASP E 84 33.05 -16.95 -10.12
C ASP E 84 31.85 -16.88 -9.16
N LYS E 85 31.98 -16.12 -8.07
CA LYS E 85 30.92 -15.95 -7.10
C LYS E 85 31.03 -14.56 -6.47
N GLN E 86 30.11 -13.65 -6.83
CA GLN E 86 30.03 -12.31 -6.27
C GLN E 86 28.77 -12.22 -5.35
N GLU E 87 28.45 -11.03 -4.81
CA GLU E 87 27.31 -10.89 -3.91
C GLU E 87 25.98 -11.09 -4.64
N ASP E 88 25.83 -10.45 -5.82
CA ASP E 88 24.61 -10.51 -6.63
C ASP E 88 24.73 -11.39 -7.88
N LEU E 89 25.87 -12.08 -8.09
CA LEU E 89 26.08 -12.91 -9.28
C LEU E 89 26.92 -14.15 -8.97
N PHE E 90 27.01 -15.08 -9.93
CA PHE E 90 27.87 -16.27 -9.89
C PHE E 90 27.85 -16.96 -11.25
N THR E 91 28.98 -17.54 -11.67
CA THR E 91 29.06 -18.19 -12.97
C THR E 91 29.46 -19.68 -12.84
N LEU E 92 29.07 -20.49 -13.82
CA LEU E 92 29.37 -21.92 -13.86
C LEU E 92 29.96 -22.27 -15.21
N TYR E 93 30.77 -23.33 -15.27
CA TYR E 93 31.31 -23.86 -16.51
C TYR E 93 30.99 -25.34 -16.48
N ASN E 94 29.92 -25.72 -17.21
CA ASN E 94 29.42 -27.07 -17.27
C ASN E 94 29.88 -27.83 -18.51
N THR E 95 29.94 -29.16 -18.40
CA THR E 95 30.28 -30.08 -19.48
C THR E 95 29.10 -31.09 -19.53
N ASN E 96 28.18 -30.88 -20.48
CA ASN E 96 26.96 -31.70 -20.61
C ASN E 96 27.15 -32.86 -21.59
N VAL E 97 26.90 -34.10 -21.14
CA VAL E 97 26.98 -35.31 -21.98
C VAL E 97 25.54 -35.80 -22.17
N ASP E 98 24.87 -35.40 -23.27
CA ASP E 98 23.47 -35.78 -23.52
C ASP E 98 23.27 -37.31 -23.74
N GLU E 99 22.04 -37.76 -24.02
CA GLU E 99 21.72 -39.18 -24.24
C GLU E 99 22.56 -39.75 -25.38
N ASN E 100 22.85 -38.94 -26.41
CA ASN E 100 23.64 -39.37 -27.57
C ASN E 100 25.16 -39.15 -27.40
N GLY E 101 25.63 -38.91 -26.18
CA GLY E 101 27.06 -38.72 -25.92
C GLY E 101 27.68 -37.40 -26.37
N LEU E 102 26.90 -36.49 -26.97
CA LEU E 102 27.44 -35.20 -27.41
C LEU E 102 27.87 -34.39 -26.21
N VAL E 103 29.12 -33.96 -26.21
CA VAL E 103 29.68 -33.15 -25.13
C VAL E 103 29.53 -31.68 -25.47
N THR E 104 28.57 -31.01 -24.81
CA THR E 104 28.34 -29.59 -24.97
C THR E 104 28.86 -28.88 -23.72
N ARG E 105 30.04 -28.27 -23.83
CA ARG E 105 30.64 -27.51 -22.74
C ARG E 105 30.27 -26.03 -22.91
N GLY E 106 30.07 -25.34 -21.79
CA GLY E 106 29.67 -23.95 -21.82
C GLY E 106 29.57 -23.29 -20.47
N TYR E 107 29.26 -22.00 -20.48
CA TYR E 107 29.13 -21.20 -19.26
C TYR E 107 27.67 -20.88 -18.94
N ALA E 108 27.41 -20.45 -17.69
CA ALA E 108 26.08 -20.08 -17.25
C ALA E 108 26.17 -19.04 -16.12
N ILE E 109 25.74 -17.79 -16.38
CA ILE E 109 25.74 -16.74 -15.35
C ILE E 109 24.38 -16.69 -14.70
N ILE E 110 24.35 -16.74 -13.37
CA ILE E 110 23.12 -16.72 -12.59
C ILE E 110 23.29 -15.61 -11.54
N GLY E 111 22.27 -14.78 -11.39
CA GLY E 111 22.34 -13.66 -10.47
C GLY E 111 20.98 -13.12 -10.06
N LYS E 112 21.00 -12.01 -9.34
CA LYS E 112 19.79 -11.34 -8.86
C LYS E 112 19.31 -10.26 -9.87
N ARG E 113 20.21 -9.75 -10.74
CA ARG E 113 19.87 -8.79 -11.80
C ARG E 113 19.56 -9.57 -13.11
N ASP E 114 19.06 -8.87 -14.14
CA ASP E 114 18.70 -9.51 -15.40
C ASP E 114 19.70 -9.28 -16.51
N SER E 115 20.73 -8.44 -16.33
CA SER E 115 21.71 -8.22 -17.40
C SER E 115 23.09 -7.83 -16.86
N LEU E 116 24.16 -8.20 -17.59
CA LEU E 116 25.52 -7.85 -17.19
C LEU E 116 25.85 -6.41 -17.55
N THR E 117 26.74 -5.78 -16.77
CA THR E 117 27.24 -4.45 -17.11
C THR E 117 28.20 -4.55 -18.31
N PRO E 118 28.61 -3.42 -18.96
CA PRO E 118 29.48 -3.54 -20.13
C PRO E 118 30.79 -4.23 -19.82
N GLU E 119 31.39 -3.90 -18.68
CA GLU E 119 32.65 -4.48 -18.27
C GLU E 119 32.48 -5.95 -17.92
N GLU E 120 31.36 -6.32 -17.29
CA GLU E 120 31.08 -7.73 -16.97
C GLU E 120 30.91 -8.51 -18.26
N THR E 121 30.17 -7.93 -19.24
CA THR E 121 29.91 -8.53 -20.54
C THR E 121 31.23 -8.86 -21.28
N SER E 122 32.11 -7.86 -21.48
CA SER E 122 33.38 -8.05 -22.19
C SER E 122 34.27 -9.07 -21.52
N HIS E 123 34.23 -9.15 -20.18
CA HIS E 123 35.01 -10.13 -19.44
C HIS E 123 34.48 -11.55 -19.72
N PHE E 124 33.15 -11.69 -19.79
CA PHE E 124 32.49 -12.95 -20.09
C PHE E 124 32.79 -13.40 -21.51
N GLU E 125 32.81 -12.46 -22.46
CA GLU E 125 33.14 -12.74 -23.86
C GLU E 125 34.56 -13.28 -23.95
N GLU E 126 35.51 -12.67 -23.22
CA GLU E 126 36.90 -13.12 -23.18
C GLU E 126 36.98 -14.52 -22.62
N ALA E 127 36.29 -14.79 -21.49
CA ALA E 127 36.28 -16.11 -20.87
C ALA E 127 35.75 -17.18 -21.81
N ASN E 128 34.72 -16.84 -22.61
CA ASN E 128 34.13 -17.79 -23.55
C ASN E 128 35.10 -18.11 -24.69
N GLU E 129 35.57 -17.08 -25.42
CA GLU E 129 36.51 -17.31 -26.52
C GLU E 129 37.80 -17.99 -26.03
N LEU E 130 38.22 -17.68 -24.79
CA LEU E 130 39.38 -18.31 -24.16
C LEU E 130 39.15 -19.82 -23.99
N LYS E 131 37.95 -20.22 -23.54
CA LYS E 131 37.62 -21.64 -23.38
C LYS E 131 36.99 -22.24 -24.67
N GLY E 132 37.36 -21.69 -25.83
CA GLY E 132 36.91 -22.18 -27.12
C GLY E 132 35.54 -21.73 -27.61
N ILE E 133 34.62 -21.35 -26.72
CA ILE E 133 33.25 -20.97 -27.13
C ILE E 133 33.24 -19.60 -27.83
N PRO E 134 32.65 -19.44 -29.05
CA PRO E 134 32.64 -18.11 -29.69
C PRO E 134 31.79 -17.06 -28.97
N LYS E 135 32.07 -15.78 -29.23
CA LYS E 135 31.30 -14.66 -28.69
C LYS E 135 29.82 -14.75 -29.12
N GLY E 136 29.58 -15.22 -30.33
CA GLY E 136 28.23 -15.37 -30.86
C GLY E 136 27.41 -16.43 -30.15
N ASN E 137 28.07 -17.48 -29.64
CA ASN E 137 27.37 -18.54 -28.92
C ASN E 137 27.07 -18.14 -27.46
N ILE E 138 26.53 -16.92 -27.23
CA ILE E 138 26.16 -16.44 -25.90
C ILE E 138 24.72 -15.92 -26.00
N GLU E 139 23.78 -16.64 -25.37
CA GLU E 139 22.37 -16.24 -25.34
C GLU E 139 22.12 -15.46 -24.06
N TYR E 140 21.51 -14.26 -24.17
CA TYR E 140 21.19 -13.42 -23.01
C TYR E 140 19.69 -13.57 -22.78
N LEU E 141 19.31 -14.41 -21.81
CA LEU E 141 17.90 -14.72 -21.53
C LEU E 141 17.07 -13.56 -20.95
N ALA E 142 17.64 -12.35 -20.84
CA ALA E 142 16.90 -11.20 -20.34
C ALA E 142 15.69 -10.88 -21.22
N GLY E 143 14.52 -10.81 -20.62
CA GLY E 143 13.29 -10.48 -21.32
C GLY E 143 12.65 -11.60 -22.11
N THR E 144 13.23 -12.80 -22.12
CA THR E 144 12.63 -13.95 -22.81
C THR E 144 12.12 -15.01 -21.82
N ASP E 145 11.90 -14.63 -20.54
CA ASP E 145 11.45 -15.58 -19.53
C ASP E 145 9.95 -15.53 -19.39
N ASP E 146 9.23 -16.25 -20.25
CA ASP E 146 7.77 -16.29 -20.20
C ASP E 146 7.24 -17.49 -19.39
N CYS E 147 8.03 -17.98 -18.41
CA CYS E 147 7.62 -19.11 -17.56
C CYS E 147 7.15 -18.62 -16.17
N PRO E 148 6.43 -19.46 -15.38
CA PRO E 148 5.91 -19.02 -14.07
C PRO E 148 6.82 -19.45 -12.90
N GLU E 149 6.29 -19.59 -11.65
CA GLU E 149 7.01 -20.12 -10.48
C GLU E 149 6.22 -21.27 -9.78
N ARG E 150 5.29 -21.95 -10.51
CA ARG E 150 4.47 -23.05 -9.96
C ARG E 150 5.29 -24.34 -9.80
#